data_6ZLL
#
_entry.id   6ZLL
#
_cell.length_a   56.787
_cell.length_b   62.652
_cell.length_c   105.712
_cell.angle_alpha   91.920
_cell.angle_beta   99.860
_cell.angle_gamma   91.980
#
_symmetry.space_group_name_H-M   'P 1'
#
loop_
_entity.id
_entity.type
_entity.pdbx_description
1 polymer 'Epimerase domain-containing protein'
2 non-polymer '(2S,3R,4S,5R,6R)-6-[[[(2R,3S,4R,5R)-5-(2,4-dioxopyrimidin-1-yl)-3,4-dihydroxy-oxolan-2-yl]methoxy-hydroxy-phosphoryl]oxy-hydroxy-phosphoryl]oxy-3,4,5-trihydroxy-oxane-2-carboxylic acid'
3 non-polymer NICOTINAMIDE-ADENINE-DINUCLEOTIDE
4 water water
#
_entity_poly.entity_id   1
_entity_poly.type   'polypeptide(L)'
_entity_poly.pdbx_seq_one_letter_code
;MKILVTGAAGFIGSHLCQALLKNSAYHVVGIDHFIGPTPATLKTGNIQSLELNSRFQFIREDILNTDLSKLLQDIDVVYH
LAAIPGVRTSWGKDFQPYVTNNIMVTQQLLEACKHIKLDKFIHISTSSVYGEKSGAVSEDLLPIPLSPYGVTKLSGEHLC
HVYHKNFHIPIVILRYFTVYGPRQRPDMAFHRLIKQMLEDKPLTIFGDGTQTRDFTYIDDCIRGTVAALETKKNIIGEVI
NIGGKEQASILDIISMLEKISGKSATKNFLKSVPGEPKQTWADISKASTLLQYSPTVSLSDGLEAEYDYIKQLYKGDAAW
SHPQFEK
;
_entity_poly.pdbx_strand_id   A,B,C,D
#
# COMPACT_ATOMS: atom_id res chain seq x y z
N MET A 1 -44.81 3.55 36.69
CA MET A 1 -44.24 2.52 35.77
C MET A 1 -42.76 2.34 36.05
N LYS A 2 -42.23 1.20 35.67
CA LYS A 2 -40.85 0.81 36.00
C LYS A 2 -40.01 0.86 34.72
N ILE A 3 -38.89 1.58 34.75
CA ILE A 3 -38.05 1.90 33.55
C ILE A 3 -36.64 1.39 33.80
N LEU A 4 -36.08 0.65 32.85
CA LEU A 4 -34.68 0.19 32.87
C LEU A 4 -33.88 1.15 32.00
N VAL A 5 -32.79 1.66 32.53
CA VAL A 5 -31.83 2.52 31.80
C VAL A 5 -30.48 1.80 31.76
N THR A 6 -30.08 1.30 30.59
CA THR A 6 -28.73 0.75 30.35
C THR A 6 -27.78 1.95 30.17
N GLY A 7 -26.56 1.85 30.70
CA GLY A 7 -25.56 2.92 30.63
C GLY A 7 -25.91 4.04 31.58
N ALA A 8 -26.58 3.71 32.69
CA ALA A 8 -27.18 4.66 33.66
C ALA A 8 -26.14 5.59 34.28
N ALA A 9 -24.89 5.16 34.39
CA ALA A 9 -23.82 5.96 35.03
C ALA A 9 -23.09 6.83 34.02
N GLY A 10 -23.38 6.67 32.73
CA GLY A 10 -22.76 7.48 31.68
C GLY A 10 -23.23 8.92 31.69
N PHE A 11 -22.73 9.69 30.75
CA PHE A 11 -23.03 11.13 30.57
C PHE A 11 -24.54 11.32 30.40
N ILE A 12 -25.12 10.68 29.41
CA ILE A 12 -26.55 10.93 29.09
C ILE A 12 -27.45 10.15 30.05
N GLY A 13 -27.13 8.88 30.29
CA GLY A 13 -27.94 7.97 31.09
C GLY A 13 -28.09 8.49 32.52
N SER A 14 -27.05 9.11 33.07
CA SER A 14 -27.11 9.66 34.45
C SER A 14 -28.10 10.83 34.50
N HIS A 15 -28.12 11.68 33.48
CA HIS A 15 -29.09 12.80 33.34
C HIS A 15 -30.51 12.27 33.08
N LEU A 16 -30.66 11.20 32.31
CA LEU A 16 -32.00 10.65 32.03
C LEU A 16 -32.61 10.06 33.32
N CYS A 17 -31.84 9.29 34.08
CA CYS A 17 -32.28 8.70 35.38
C CYS A 17 -32.71 9.83 36.32
N GLN A 18 -31.90 10.87 36.41
CA GLN A 18 -32.19 12.07 37.24
C GLN A 18 -33.50 12.69 36.76
N ALA A 19 -33.73 12.83 35.45
CA ALA A 19 -34.95 13.49 34.92
C ALA A 19 -36.15 12.57 35.18
N LEU A 20 -36.02 11.26 34.97
CA LEU A 20 -37.16 10.33 35.18
C LEU A 20 -37.56 10.31 36.65
N LEU A 21 -36.59 10.33 37.57
CA LEU A 21 -36.87 10.22 39.02
C LEU A 21 -37.60 11.46 39.55
N LYS A 22 -37.61 12.58 38.83
CA LYS A 22 -38.40 13.76 39.25
C LYS A 22 -39.89 13.44 39.15
N ASN A 23 -40.27 12.47 38.32
CA ASN A 23 -41.68 11.99 38.22
C ASN A 23 -41.92 10.98 39.34
N SER A 24 -42.78 11.30 40.33
CA SER A 24 -43.04 10.45 41.53
C SER A 24 -43.59 9.07 41.10
N ALA A 25 -44.24 8.99 39.94
CA ALA A 25 -44.84 7.74 39.42
C ALA A 25 -43.77 6.80 38.83
N TYR A 26 -42.54 7.26 38.53
CA TYR A 26 -41.50 6.43 37.85
C TYR A 26 -40.52 5.84 38.88
N HIS A 27 -40.31 4.53 38.80
CA HIS A 27 -39.20 3.79 39.46
C HIS A 27 -38.19 3.46 38.35
N VAL A 28 -36.92 3.67 38.61
CA VAL A 28 -35.85 3.54 37.59
C VAL A 28 -34.88 2.48 38.09
N VAL A 29 -34.53 1.54 37.22
CA VAL A 29 -33.42 0.57 37.43
C VAL A 29 -32.33 0.95 36.42
N GLY A 30 -31.14 1.26 36.93
CA GLY A 30 -29.99 1.61 36.08
C GLY A 30 -28.95 0.52 36.15
N ILE A 31 -28.43 0.09 35.00
CA ILE A 31 -27.32 -0.87 34.95
C ILE A 31 -26.18 -0.24 34.14
N ASP A 32 -24.96 -0.43 34.61
CA ASP A 32 -23.75 0.16 34.03
C ASP A 32 -22.55 -0.60 34.55
N HIS A 33 -21.67 -1.01 33.66
CA HIS A 33 -20.49 -1.87 33.92
C HIS A 33 -19.23 -1.00 34.05
N PHE A 34 -19.35 0.32 34.01
CA PHE A 34 -18.22 1.28 34.19
C PHE A 34 -17.10 0.99 33.18
N ILE A 35 -17.43 0.92 31.90
CA ILE A 35 -16.41 0.74 30.82
C ILE A 35 -16.54 1.91 29.83
N GLY A 36 -15.78 1.85 28.72
CA GLY A 36 -15.74 2.92 27.71
C GLY A 36 -14.79 4.02 28.12
N PRO A 37 -14.86 5.19 27.46
CA PRO A 37 -13.77 6.16 27.54
C PRO A 37 -13.71 6.93 28.86
N THR A 38 -14.80 7.01 29.61
CA THR A 38 -14.81 7.78 30.88
C THR A 38 -14.32 6.88 32.02
N PRO A 39 -13.19 7.23 32.68
CA PRO A 39 -12.72 6.46 33.84
C PRO A 39 -13.81 6.33 34.91
N ALA A 40 -13.86 5.15 35.54
CA ALA A 40 -14.86 4.76 36.56
C ALA A 40 -14.93 5.78 37.71
N THR A 41 -13.82 6.47 38.00
CA THR A 41 -13.72 7.51 39.06
C THR A 41 -14.67 8.68 38.79
N LEU A 42 -14.52 9.34 37.64
CA LEU A 42 -15.36 10.49 37.21
C LEU A 42 -16.82 10.05 37.08
N LYS A 43 -17.09 8.78 36.75
CA LYS A 43 -18.45 8.21 36.48
C LYS A 43 -19.27 8.07 37.76
N THR A 44 -18.65 7.69 38.87
CA THR A 44 -19.33 7.47 40.18
C THR A 44 -20.09 8.76 40.58
N GLY A 45 -19.49 9.93 40.28
CA GLY A 45 -20.02 11.27 40.60
C GLY A 45 -21.26 11.59 39.80
N ASN A 46 -21.36 11.03 38.58
CA ASN A 46 -22.55 11.21 37.70
C ASN A 46 -23.83 10.77 38.44
N ILE A 47 -23.75 9.72 39.27
CA ILE A 47 -24.94 9.09 39.94
C ILE A 47 -24.97 9.33 41.45
N GLN A 48 -23.93 9.93 42.04
CA GLN A 48 -23.87 10.35 43.48
C GLN A 48 -25.27 10.52 44.06
N SER A 49 -25.97 11.51 43.51
CA SER A 49 -27.29 12.01 43.89
C SER A 49 -28.33 10.88 43.82
N LEU A 50 -28.22 9.98 42.83
CA LEU A 50 -29.33 9.08 42.46
C LEU A 50 -29.56 7.97 43.53
N GLU A 51 -28.51 7.47 44.21
CA GLU A 51 -28.63 6.33 45.18
C GLU A 51 -29.57 6.70 46.35
N LEU A 52 -29.72 7.99 46.65
CA LEU A 52 -30.58 8.55 47.74
C LEU A 52 -32.07 8.34 47.42
N ASN A 53 -32.48 8.46 46.16
CA ASN A 53 -33.89 8.28 45.72
C ASN A 53 -34.19 6.79 45.86
N SER A 54 -35.16 6.43 46.68
CA SER A 54 -35.55 5.02 46.96
C SER A 54 -36.28 4.44 45.77
N ARG A 55 -36.70 5.26 44.79
CA ARG A 55 -37.31 4.77 43.53
C ARG A 55 -36.21 4.47 42.49
N PHE A 56 -34.94 4.64 42.84
CA PHE A 56 -33.78 4.31 41.98
C PHE A 56 -33.09 3.07 42.53
N GLN A 57 -32.78 2.14 41.64
CA GLN A 57 -31.91 1.00 41.97
C GLN A 57 -30.76 1.00 40.97
N PHE A 58 -29.51 0.99 41.44
CA PHE A 58 -28.31 0.99 40.57
C PHE A 58 -27.73 -0.42 40.55
N ILE A 59 -27.50 -0.99 39.36
CA ILE A 59 -26.82 -2.31 39.21
C ILE A 59 -25.49 -2.11 38.45
N ARG A 60 -24.38 -2.50 39.08
CA ARG A 60 -23.02 -2.39 38.51
C ARG A 60 -22.62 -3.73 37.91
N GLU A 61 -23.13 -4.05 36.71
CA GLU A 61 -22.82 -5.34 36.05
C GLU A 61 -22.78 -5.20 34.54
N ASP A 62 -22.12 -6.14 33.89
CA ASP A 62 -22.11 -6.29 32.41
C ASP A 62 -23.42 -6.90 31.95
N ILE A 63 -24.12 -6.22 31.06
CA ILE A 63 -25.39 -6.69 30.45
C ILE A 63 -25.16 -8.08 29.86
N LEU A 64 -23.95 -8.38 29.38
CA LEU A 64 -23.69 -9.69 28.76
C LEU A 64 -23.43 -10.72 29.86
N ASN A 65 -23.32 -10.32 31.12
CA ASN A 65 -23.01 -11.26 32.23
C ASN A 65 -23.96 -11.01 33.40
N THR A 66 -25.26 -10.94 33.13
CA THR A 66 -26.31 -10.56 34.10
C THR A 66 -27.56 -11.39 33.80
N ASP A 67 -28.35 -11.75 34.80
CA ASP A 67 -29.63 -12.45 34.58
C ASP A 67 -30.63 -11.43 34.01
N LEU A 68 -30.77 -11.39 32.69
CA LEU A 68 -31.64 -10.39 32.01
C LEU A 68 -33.10 -10.73 32.35
N SER A 69 -33.41 -12.01 32.50
CA SER A 69 -34.76 -12.51 32.91
C SER A 69 -35.21 -11.82 34.20
N LYS A 70 -34.40 -11.92 35.27
CA LYS A 70 -34.68 -11.27 36.58
C LYS A 70 -34.72 -9.74 36.41
N LEU A 71 -33.85 -9.19 35.58
CA LEU A 71 -33.71 -7.71 35.37
C LEU A 71 -34.98 -7.15 34.72
N LEU A 72 -35.60 -7.87 33.78
CA LEU A 72 -36.67 -7.34 32.89
C LEU A 72 -38.09 -7.71 33.34
N GLN A 73 -38.22 -8.62 34.31
CA GLN A 73 -39.51 -9.14 34.87
C GLN A 73 -40.59 -8.06 34.94
N ASP A 74 -40.27 -6.95 35.61
CA ASP A 74 -41.25 -5.91 36.05
C ASP A 74 -41.06 -4.65 35.20
N ILE A 75 -40.31 -4.73 34.10
CA ILE A 75 -39.96 -3.49 33.35
C ILE A 75 -41.11 -3.18 32.40
N ASP A 76 -41.54 -1.93 32.39
CA ASP A 76 -42.50 -1.41 31.39
C ASP A 76 -41.75 -0.85 30.18
N VAL A 77 -40.58 -0.25 30.43
CA VAL A 77 -39.89 0.52 29.35
C VAL A 77 -38.40 0.34 29.51
N VAL A 78 -37.72 0.16 28.39
CA VAL A 78 -36.24 0.04 28.37
C VAL A 78 -35.76 1.27 27.60
N TYR A 79 -34.88 2.03 28.24
CA TYR A 79 -34.02 3.04 27.59
C TYR A 79 -32.65 2.40 27.41
N HIS A 80 -32.29 2.04 26.18
CA HIS A 80 -31.00 1.34 25.92
C HIS A 80 -29.96 2.37 25.47
N LEU A 81 -29.11 2.83 26.39
CA LEU A 81 -28.03 3.81 26.15
C LEU A 81 -26.64 3.17 26.27
N ALA A 82 -26.53 1.96 26.82
CA ALA A 82 -25.22 1.31 27.03
C ALA A 82 -24.57 1.15 25.67
N ALA A 83 -23.32 1.57 25.56
CA ALA A 83 -22.57 1.40 24.31
C ALA A 83 -21.17 1.88 24.55
N ILE A 84 -20.29 1.58 23.61
CA ILE A 84 -18.94 2.18 23.51
C ILE A 84 -19.06 3.27 22.46
N PRO A 85 -18.97 4.56 22.86
CA PRO A 85 -19.00 5.67 21.93
C PRO A 85 -17.57 6.10 21.56
N GLY A 86 -17.45 7.15 20.75
CA GLY A 86 -16.14 7.69 20.29
C GLY A 86 -15.88 7.30 18.84
N VAL A 87 -16.06 8.25 17.96
CA VAL A 87 -15.87 8.07 16.50
C VAL A 87 -14.39 7.82 16.21
N ARG A 88 -13.52 8.58 16.88
CA ARG A 88 -12.06 8.69 16.57
C ARG A 88 -11.28 7.46 17.08
N THR A 89 -11.80 6.70 18.04
CA THR A 89 -11.05 5.60 18.72
C THR A 89 -11.67 4.25 18.34
N SER A 90 -12.25 4.14 17.14
CA SER A 90 -13.02 2.93 16.74
C SER A 90 -12.27 2.12 15.66
N TRP A 91 -11.01 2.42 15.38
CA TRP A 91 -10.22 1.73 14.34
C TRP A 91 -9.42 0.54 14.89
N GLY A 92 -8.95 -0.33 13.98
CA GLY A 92 -7.94 -1.36 14.29
C GLY A 92 -8.35 -2.27 15.44
N LYS A 93 -7.44 -2.47 16.40
CA LYS A 93 -7.65 -3.34 17.57
C LYS A 93 -8.61 -2.68 18.56
N ASP A 94 -9.00 -1.41 18.38
CA ASP A 94 -10.00 -0.76 19.27
C ASP A 94 -11.42 -1.14 18.85
N PHE A 95 -11.61 -1.81 17.71
CA PHE A 95 -12.95 -2.07 17.10
C PHE A 95 -13.75 -3.09 17.92
N GLN A 96 -13.09 -4.15 18.43
CA GLN A 96 -13.80 -5.30 19.06
C GLN A 96 -14.76 -4.83 20.15
N PRO A 97 -14.38 -3.95 21.11
CA PRO A 97 -15.31 -3.56 22.15
C PRO A 97 -16.56 -2.83 21.62
N TYR A 98 -16.50 -2.18 20.46
CA TYR A 98 -17.67 -1.54 19.82
C TYR A 98 -18.63 -2.63 19.34
N VAL A 99 -18.06 -3.70 18.78
CA VAL A 99 -18.85 -4.85 18.30
C VAL A 99 -19.47 -5.59 19.50
N THR A 100 -18.70 -5.92 20.52
CA THR A 100 -19.25 -6.59 21.72
C THR A 100 -20.37 -5.72 22.31
N ASN A 101 -20.09 -4.45 22.55
CA ASN A 101 -20.95 -3.64 23.46
C ASN A 101 -22.05 -2.89 22.71
N ASN A 102 -21.96 -2.75 21.38
CA ASN A 102 -22.96 -2.03 20.56
C ASN A 102 -23.84 -3.06 19.84
N ILE A 103 -23.26 -4.16 19.35
CA ILE A 103 -24.01 -5.17 18.54
C ILE A 103 -24.47 -6.34 19.40
N MET A 104 -23.56 -7.07 20.05
CA MET A 104 -23.91 -8.29 20.86
C MET A 104 -24.80 -7.93 22.06
N VAL A 105 -24.53 -6.80 22.73
CA VAL A 105 -25.37 -6.30 23.88
C VAL A 105 -26.79 -6.00 23.40
N THR A 106 -26.92 -5.31 22.26
CA THR A 106 -28.25 -4.96 21.73
C THR A 106 -28.98 -6.27 21.38
N GLN A 107 -28.31 -7.20 20.72
CA GLN A 107 -28.97 -8.47 20.32
C GLN A 107 -29.43 -9.22 21.57
N GLN A 108 -28.58 -9.30 22.58
CA GLN A 108 -28.88 -10.11 23.78
C GLN A 108 -30.02 -9.45 24.58
N LEU A 109 -30.12 -8.12 24.57
CA LEU A 109 -31.22 -7.40 25.26
C LEU A 109 -32.51 -7.62 24.50
N LEU A 110 -32.45 -7.54 23.17
CA LEU A 110 -33.65 -7.78 22.33
C LEU A 110 -34.13 -9.23 22.50
N GLU A 111 -33.22 -10.20 22.50
CA GLU A 111 -33.54 -11.63 22.78
C GLU A 111 -34.32 -11.70 24.12
N ALA A 112 -33.82 -11.09 25.19
CA ALA A 112 -34.46 -11.16 26.55
C ALA A 112 -35.83 -10.46 26.53
N CYS A 113 -36.03 -9.45 25.68
CA CYS A 113 -37.29 -8.67 25.61
C CYS A 113 -38.34 -9.40 24.77
N LYS A 114 -37.95 -10.46 24.05
CA LYS A 114 -38.88 -11.23 23.19
C LYS A 114 -40.14 -11.62 23.99
N HIS A 115 -39.99 -12.23 25.16
CA HIS A 115 -41.13 -12.86 25.85
C HIS A 115 -41.39 -12.16 27.20
N ILE A 116 -41.23 -10.84 27.23
CA ILE A 116 -41.92 -9.94 28.19
C ILE A 116 -42.77 -9.05 27.30
N LYS A 117 -43.55 -8.13 27.87
CA LYS A 117 -44.50 -7.32 27.06
C LYS A 117 -44.23 -5.85 27.38
N LEU A 118 -43.10 -5.32 26.90
CA LEU A 118 -42.75 -3.89 27.05
C LEU A 118 -43.85 -3.01 26.45
N ASP A 119 -44.04 -1.81 27.01
CA ASP A 119 -44.72 -0.71 26.29
C ASP A 119 -43.80 -0.19 25.20
N LYS A 120 -42.52 -0.02 25.52
CA LYS A 120 -41.54 0.55 24.55
C LYS A 120 -40.13 0.06 24.87
N PHE A 121 -39.34 -0.08 23.82
CA PHE A 121 -37.88 -0.31 23.83
C PHE A 121 -37.28 0.87 23.08
N ILE A 122 -36.77 1.82 23.85
CA ILE A 122 -36.32 3.12 23.30
C ILE A 122 -34.80 3.04 23.14
N HIS A 123 -34.37 2.89 21.89
CA HIS A 123 -32.98 2.55 21.53
C HIS A 123 -32.26 3.84 21.14
N ILE A 124 -31.16 4.13 21.81
CA ILE A 124 -30.45 5.42 21.57
C ILE A 124 -29.37 5.12 20.54
N SER A 125 -29.51 5.78 19.41
CA SER A 125 -28.56 5.73 18.30
C SER A 125 -27.96 7.12 18.13
N THR A 126 -27.30 7.37 17.00
CA THR A 126 -26.37 8.50 16.81
C THR A 126 -26.48 9.04 15.38
N SER A 127 -26.17 10.33 15.23
CA SER A 127 -26.03 11.00 13.92
C SER A 127 -24.88 10.36 13.13
N SER A 128 -23.99 9.63 13.78
CA SER A 128 -22.83 8.98 13.11
C SER A 128 -23.30 7.90 12.15
N VAL A 129 -24.52 7.39 12.28
CA VAL A 129 -25.07 6.42 11.29
C VAL A 129 -25.20 7.09 9.91
N TYR A 130 -25.34 8.42 9.79
CA TYR A 130 -25.62 9.07 8.47
C TYR A 130 -24.36 9.23 7.60
N GLY A 131 -23.19 9.42 8.21
CA GLY A 131 -21.97 9.75 7.47
C GLY A 131 -22.03 11.18 6.99
N GLU A 132 -21.35 11.46 5.89
CA GLU A 132 -21.25 12.82 5.31
C GLU A 132 -22.48 13.08 4.44
N LYS A 133 -23.33 14.01 4.89
CA LYS A 133 -24.55 14.46 4.16
C LYS A 133 -24.53 15.98 4.15
N SER A 134 -25.06 16.58 3.11
CA SER A 134 -25.23 18.05 3.05
C SER A 134 -26.67 18.37 3.48
N GLY A 135 -26.86 19.53 4.10
CA GLY A 135 -28.18 20.01 4.51
C GLY A 135 -28.59 19.39 5.82
N ALA A 136 -29.83 19.62 6.23
CA ALA A 136 -30.39 19.08 7.46
C ALA A 136 -30.92 17.70 7.12
N VAL A 137 -30.44 16.65 7.79
CA VAL A 137 -30.75 15.23 7.40
C VAL A 137 -32.03 14.77 8.10
N SER A 138 -32.94 14.18 7.36
CA SER A 138 -34.11 13.52 7.98
C SER A 138 -33.88 12.01 7.99
N GLU A 139 -34.76 11.33 8.70
CA GLU A 139 -34.58 9.95 9.17
C GLU A 139 -34.74 8.95 8.03
N ASP A 140 -35.27 9.39 6.89
CA ASP A 140 -35.52 8.53 5.70
C ASP A 140 -34.31 8.58 4.78
N LEU A 141 -33.24 9.33 5.10
CA LEU A 141 -32.04 9.33 4.23
C LEU A 141 -31.29 7.99 4.37
N LEU A 142 -30.75 7.49 3.25
CA LEU A 142 -29.86 6.30 3.20
C LEU A 142 -28.66 6.53 4.14
N PRO A 143 -28.57 5.86 5.29
CA PRO A 143 -27.40 6.03 6.16
C PRO A 143 -26.18 5.27 5.64
N ILE A 144 -25.06 5.97 5.50
CA ILE A 144 -23.74 5.39 5.08
C ILE A 144 -22.71 5.89 6.09
N PRO A 145 -22.49 5.19 7.23
CA PRO A 145 -21.56 5.68 8.24
C PRO A 145 -20.16 5.93 7.67
N LEU A 146 -19.44 6.88 8.25
CA LEU A 146 -18.04 7.21 7.91
C LEU A 146 -17.09 6.52 8.90
N SER A 147 -17.58 6.06 10.05
CA SER A 147 -16.71 5.52 11.11
C SER A 147 -17.13 4.10 11.46
N PRO A 148 -16.19 3.25 11.91
CA PRO A 148 -16.53 1.94 12.47
C PRO A 148 -17.53 2.06 13.61
N TYR A 149 -17.44 3.12 14.42
CA TYR A 149 -18.42 3.37 15.49
C TYR A 149 -19.82 3.46 14.91
N GLY A 150 -20.00 4.31 13.89
CA GLY A 150 -21.25 4.51 13.15
C GLY A 150 -21.83 3.21 12.65
N VAL A 151 -21.01 2.38 12.02
CA VAL A 151 -21.41 1.01 11.57
C VAL A 151 -22.01 0.19 12.72
N THR A 152 -21.34 0.11 13.88
CA THR A 152 -21.82 -0.71 15.02
C THR A 152 -23.17 -0.18 15.53
N LYS A 153 -23.34 1.13 15.56
CA LYS A 153 -24.61 1.73 16.05
C LYS A 153 -25.70 1.52 15.00
N LEU A 154 -25.40 1.61 13.71
CA LEU A 154 -26.40 1.34 12.65
C LEU A 154 -26.82 -0.14 12.71
N SER A 155 -25.88 -1.02 13.00
CA SER A 155 -26.13 -2.47 13.19
C SER A 155 -27.12 -2.66 14.36
N GLY A 156 -26.98 -1.90 15.44
CA GLY A 156 -27.94 -1.97 16.57
C GLY A 156 -29.33 -1.59 16.15
N GLU A 157 -29.44 -0.51 15.36
CA GLU A 157 -30.71 -0.02 14.81
C GLU A 157 -31.34 -1.13 13.98
N HIS A 158 -30.56 -1.76 13.10
CA HIS A 158 -31.12 -2.83 12.23
C HIS A 158 -31.59 -4.00 13.07
N LEU A 159 -30.88 -4.35 14.16
CA LEU A 159 -31.29 -5.43 15.08
C LEU A 159 -32.65 -5.06 15.70
N CYS A 160 -32.82 -3.82 16.17
CA CYS A 160 -34.15 -3.29 16.61
C CYS A 160 -35.24 -3.56 15.57
N HIS A 161 -35.01 -3.23 14.31
CA HIS A 161 -36.03 -3.44 13.24
C HIS A 161 -36.30 -4.94 13.05
N VAL A 162 -35.28 -5.79 13.16
CA VAL A 162 -35.44 -7.26 12.99
C VAL A 162 -36.35 -7.79 14.09
N TYR A 163 -36.07 -7.40 15.34
CA TYR A 163 -36.80 -7.93 16.52
C TYR A 163 -38.20 -7.34 16.58
N HIS A 164 -38.38 -6.10 16.12
CA HIS A 164 -39.69 -5.44 15.92
C HIS A 164 -40.51 -6.24 14.90
N LYS A 165 -40.01 -6.40 13.68
CA LYS A 165 -40.78 -7.00 12.55
C LYS A 165 -41.14 -8.46 12.89
N ASN A 166 -40.23 -9.22 13.52
CA ASN A 166 -40.41 -10.69 13.75
C ASN A 166 -41.14 -10.94 15.07
N PHE A 167 -40.87 -10.19 16.14
CA PHE A 167 -41.37 -10.52 17.50
C PHE A 167 -42.20 -9.37 18.10
N HIS A 168 -42.53 -8.33 17.34
CA HIS A 168 -43.39 -7.20 17.80
C HIS A 168 -42.81 -6.53 19.06
N ILE A 169 -41.50 -6.55 19.25
CA ILE A 169 -40.84 -5.71 20.28
C ILE A 169 -41.04 -4.25 19.87
N PRO A 170 -41.61 -3.42 20.76
CA PRO A 170 -42.07 -2.07 20.40
C PRO A 170 -40.91 -1.09 20.44
N ILE A 171 -40.06 -1.18 19.44
CA ILE A 171 -38.82 -0.36 19.40
C ILE A 171 -39.18 1.06 18.95
N VAL A 172 -38.43 1.99 19.52
CA VAL A 172 -38.33 3.40 19.09
C VAL A 172 -36.83 3.69 19.00
N ILE A 173 -36.39 4.29 17.90
CA ILE A 173 -34.97 4.70 17.76
C ILE A 173 -34.88 6.25 17.81
N LEU A 174 -34.02 6.77 18.71
CA LEU A 174 -33.65 8.20 18.77
C LEU A 174 -32.23 8.35 18.27
N ARG A 175 -32.02 9.20 17.26
CA ARG A 175 -30.65 9.53 16.81
C ARG A 175 -30.28 10.86 17.44
N TYR A 176 -29.45 10.81 18.47
CA TYR A 176 -28.85 12.03 19.03
C TYR A 176 -27.76 12.57 18.12
N PHE A 177 -27.67 13.89 18.16
CA PHE A 177 -26.57 14.69 17.58
C PHE A 177 -25.73 15.19 18.76
N THR A 178 -24.43 15.33 18.54
CA THR A 178 -23.37 15.62 19.51
C THR A 178 -23.90 16.33 20.77
N VAL A 179 -24.03 15.59 21.86
CA VAL A 179 -24.63 16.08 23.14
C VAL A 179 -23.51 16.66 24.02
N TYR A 180 -23.78 17.80 24.66
CA TYR A 180 -22.75 18.48 25.48
C TYR A 180 -23.46 18.98 26.74
N GLY A 181 -22.64 19.45 27.67
CA GLY A 181 -23.13 20.06 28.90
C GLY A 181 -22.43 19.44 30.10
N PRO A 182 -22.89 19.77 31.31
CA PRO A 182 -22.36 19.14 32.51
C PRO A 182 -22.34 17.61 32.34
N ARG A 183 -21.26 16.99 32.83
CA ARG A 183 -20.93 15.53 32.84
C ARG A 183 -20.49 15.03 31.46
N GLN A 184 -20.31 15.90 30.47
CA GLN A 184 -19.87 15.45 29.12
C GLN A 184 -18.60 14.60 29.30
N ARG A 185 -18.44 13.55 28.49
CA ARG A 185 -17.34 12.57 28.59
C ARG A 185 -16.05 13.29 28.28
N PRO A 186 -14.96 12.93 28.97
CA PRO A 186 -13.65 13.55 28.75
C PRO A 186 -13.03 13.36 27.37
N ASP A 187 -13.55 12.44 26.57
CA ASP A 187 -13.00 12.23 25.20
C ASP A 187 -13.67 13.21 24.23
N MET A 188 -14.72 13.93 24.63
CA MET A 188 -15.48 14.77 23.68
C MET A 188 -14.86 16.17 23.56
N ALA A 189 -15.20 16.91 22.48
CA ALA A 189 -14.55 18.18 22.08
C ALA A 189 -14.63 19.23 23.20
N PHE A 190 -15.80 19.54 23.73
CA PHE A 190 -15.96 20.66 24.70
C PHE A 190 -15.19 20.37 25.98
N HIS A 191 -15.34 19.19 26.57
CA HIS A 191 -14.58 18.77 27.76
C HIS A 191 -13.07 18.97 27.55
N ARG A 192 -12.52 18.47 26.45
CA ARG A 192 -11.10 18.61 26.10
C ARG A 192 -10.69 20.07 25.98
N LEU A 193 -11.40 20.83 25.14
CA LEU A 193 -11.07 22.24 24.85
C LEU A 193 -11.21 23.05 26.13
N ILE A 194 -12.26 22.84 26.93
CA ILE A 194 -12.44 23.65 28.16
C ILE A 194 -11.30 23.32 29.14
N LYS A 195 -11.00 22.02 29.29
CA LYS A 195 -9.94 21.59 30.22
C LYS A 195 -8.61 22.20 29.76
N GLN A 196 -8.33 22.18 28.45
CA GLN A 196 -7.07 22.75 27.90
C GLN A 196 -7.11 24.28 28.14
N MET A 197 -8.26 24.91 27.96
CA MET A 197 -8.34 26.38 28.12
C MET A 197 -8.10 26.75 29.59
N LEU A 198 -8.66 25.97 30.51
CA LEU A 198 -8.56 26.19 31.97
C LEU A 198 -7.10 26.04 32.40
N GLU A 199 -6.33 25.15 31.78
CA GLU A 199 -4.94 24.85 32.17
C GLU A 199 -3.94 25.65 31.32
N ASP A 200 -4.40 26.58 30.50
CA ASP A 200 -3.53 27.44 29.64
C ASP A 200 -2.67 26.57 28.75
N LYS A 201 -3.21 25.44 28.31
CA LYS A 201 -2.56 24.51 27.36
C LYS A 201 -3.10 24.79 25.96
N PRO A 202 -2.33 24.47 24.90
CA PRO A 202 -2.84 24.59 23.54
C PRO A 202 -4.16 23.80 23.36
N LEU A 203 -5.11 24.41 22.66
CA LEU A 203 -6.41 23.78 22.27
C LEU A 203 -6.17 22.84 21.10
N THR A 204 -6.48 21.54 21.22
CA THR A 204 -6.28 20.56 20.13
C THR A 204 -7.45 20.73 19.14
N ILE A 205 -7.15 21.16 17.92
CA ILE A 205 -8.16 21.30 16.85
C ILE A 205 -7.86 20.31 15.73
N PHE A 206 -8.80 19.41 15.45
CA PHE A 206 -8.65 18.46 14.32
C PHE A 206 -9.05 19.19 13.05
N GLY A 207 -8.18 19.13 12.04
CA GLY A 207 -8.36 19.85 10.77
C GLY A 207 -8.20 21.35 10.99
N ASP A 208 -8.97 22.18 10.26
CA ASP A 208 -8.86 23.65 10.38
C ASP A 208 -9.87 24.19 11.40
N GLY A 209 -10.76 23.37 11.98
CA GLY A 209 -11.74 23.83 12.98
C GLY A 209 -13.01 24.40 12.38
N THR A 210 -13.13 24.41 11.06
CA THR A 210 -14.35 24.92 10.36
C THR A 210 -15.44 23.83 10.30
N GLN A 211 -15.16 22.61 10.79
CA GLN A 211 -16.17 21.53 10.86
C GLN A 211 -17.23 22.00 11.84
N THR A 212 -18.47 21.61 11.59
CA THR A 212 -19.63 22.10 12.36
C THR A 212 -20.37 20.89 12.89
N ARG A 213 -21.08 21.10 13.97
CA ARG A 213 -21.95 20.06 14.52
C ARG A 213 -23.25 20.70 14.97
N ASP A 214 -24.29 19.89 14.90
CA ASP A 214 -25.57 20.10 15.61
C ASP A 214 -25.37 19.75 17.10
N PHE A 215 -24.84 20.65 17.89
CA PHE A 215 -24.55 20.41 19.32
C PHE A 215 -25.88 20.43 20.08
N THR A 216 -26.19 19.38 20.82
CA THR A 216 -27.47 19.25 21.55
C THR A 216 -27.14 19.44 23.02
N TYR A 217 -27.67 20.49 23.66
CA TYR A 217 -27.50 20.67 25.11
C TYR A 217 -28.22 19.52 25.80
N ILE A 218 -27.59 18.96 26.82
CA ILE A 218 -28.04 17.73 27.51
C ILE A 218 -29.49 17.88 27.97
N ASP A 219 -29.90 19.01 28.54
CA ASP A 219 -31.30 19.15 29.02
C ASP A 219 -32.24 19.08 27.82
N ASP A 220 -31.82 19.56 26.64
CA ASP A 220 -32.65 19.49 25.41
C ASP A 220 -32.75 18.02 25.01
N CYS A 221 -31.61 17.37 24.82
CA CYS A 221 -31.49 15.89 24.60
C CYS A 221 -32.48 15.14 25.49
N ILE A 222 -32.45 15.39 26.80
CA ILE A 222 -33.21 14.60 27.82
C ILE A 222 -34.71 14.93 27.71
N ARG A 223 -35.10 16.16 27.44
CA ARG A 223 -36.56 16.49 27.23
C ARG A 223 -37.09 15.69 26.02
N GLY A 224 -36.34 15.61 24.91
CA GLY A 224 -36.73 14.84 23.72
C GLY A 224 -36.86 13.37 24.05
N THR A 225 -35.98 12.88 24.94
CA THR A 225 -35.86 11.45 25.29
C THR A 225 -37.03 11.02 26.18
N VAL A 226 -37.36 11.82 27.19
CA VAL A 226 -38.56 11.59 28.04
C VAL A 226 -39.82 11.72 27.18
N ALA A 227 -39.88 12.69 26.26
CA ALA A 227 -41.00 12.87 25.31
C ALA A 227 -41.25 11.58 24.53
N ALA A 228 -40.20 10.83 24.16
CA ALA A 228 -40.36 9.51 23.48
C ALA A 228 -41.14 8.57 24.38
N LEU A 229 -40.97 8.63 25.70
CA LEU A 229 -41.77 7.80 26.62
C LEU A 229 -43.19 8.37 26.75
N GLU A 230 -43.35 9.70 26.76
CA GLU A 230 -44.59 10.36 27.23
C GLU A 230 -45.49 10.85 26.08
N THR A 231 -45.03 10.88 24.83
CA THR A 231 -45.89 11.33 23.70
C THR A 231 -47.15 10.45 23.70
N LYS A 232 -48.28 11.00 23.28
CA LYS A 232 -49.53 10.22 23.10
C LYS A 232 -49.61 9.82 21.62
N LYS A 233 -48.71 10.33 20.79
CA LYS A 233 -48.53 9.81 19.41
C LYS A 233 -47.98 8.37 19.48
N ASN A 234 -48.34 7.58 18.49
CA ASN A 234 -47.83 6.19 18.25
C ASN A 234 -46.52 6.39 17.47
N ILE A 235 -45.39 6.10 18.11
CA ILE A 235 -44.06 6.35 17.48
C ILE A 235 -43.33 5.01 17.32
N ILE A 236 -44.03 3.91 17.60
CA ILE A 236 -43.42 2.54 17.58
C ILE A 236 -42.93 2.28 16.15
N GLY A 237 -41.68 1.83 16.03
CA GLY A 237 -41.05 1.56 14.72
C GLY A 237 -40.36 2.80 14.15
N GLU A 238 -40.48 3.97 14.78
CA GLU A 238 -40.00 5.23 14.19
C GLU A 238 -38.55 5.46 14.60
N VAL A 239 -37.79 6.04 13.68
CA VAL A 239 -36.46 6.67 13.86
C VAL A 239 -36.67 8.18 14.00
N ILE A 240 -36.16 8.77 15.06
CA ILE A 240 -36.37 10.22 15.34
C ILE A 240 -35.03 10.90 15.63
N ASN A 241 -34.66 11.91 14.85
CA ASN A 241 -33.47 12.76 15.14
C ASN A 241 -33.79 13.67 16.34
N ILE A 242 -32.83 13.75 17.27
CA ILE A 242 -32.83 14.73 18.39
C ILE A 242 -31.59 15.59 18.22
N GLY A 243 -31.79 16.84 17.79
CA GLY A 243 -30.72 17.82 17.54
C GLY A 243 -30.90 19.03 18.43
N GLY A 244 -30.02 20.01 18.26
CA GLY A 244 -29.85 21.13 19.20
C GLY A 244 -30.35 22.44 18.64
N LYS A 245 -30.29 23.49 19.45
CA LYS A 245 -30.79 24.85 19.13
C LYS A 245 -29.91 25.47 18.04
N GLU A 246 -28.60 25.30 18.15
CA GLU A 246 -27.64 26.06 17.33
C GLU A 246 -26.53 25.15 16.85
N GLN A 247 -26.27 25.17 15.56
CA GLN A 247 -25.13 24.53 14.90
C GLN A 247 -23.94 25.47 15.06
N ALA A 248 -22.71 24.97 15.09
CA ALA A 248 -21.53 25.84 15.26
C ALA A 248 -20.29 25.11 14.77
N SER A 249 -19.30 25.86 14.30
CA SER A 249 -17.95 25.32 14.01
C SER A 249 -17.16 25.19 15.31
N ILE A 250 -16.09 24.43 15.27
CA ILE A 250 -15.16 24.35 16.44
C ILE A 250 -14.50 25.73 16.65
N LEU A 251 -14.12 26.47 15.58
CA LEU A 251 -13.55 27.85 15.71
C LEU A 251 -14.55 28.76 16.46
N ASP A 252 -15.86 28.68 16.16
CA ASP A 252 -16.92 29.49 16.83
C ASP A 252 -17.02 29.14 18.31
N ILE A 253 -17.03 27.84 18.65
CA ILE A 253 -17.09 27.35 20.06
C ILE A 253 -15.88 27.92 20.81
N ILE A 254 -14.71 27.93 20.20
CA ILE A 254 -13.48 28.39 20.89
C ILE A 254 -13.63 29.89 21.19
N SER A 255 -14.10 30.69 20.24
CA SER A 255 -14.42 32.13 20.44
C SER A 255 -15.41 32.28 21.58
N MET A 256 -16.46 31.44 21.65
CA MET A 256 -17.47 31.61 22.71
C MET A 256 -16.83 31.25 24.06
N LEU A 257 -15.93 30.25 24.08
CA LEU A 257 -15.24 29.84 25.34
C LEU A 257 -14.27 30.95 25.77
N GLU A 258 -13.58 31.58 24.83
CA GLU A 258 -12.65 32.71 25.11
C GLU A 258 -13.47 33.85 25.75
N LYS A 259 -14.70 34.09 25.31
CA LYS A 259 -15.57 35.15 25.87
C LYS A 259 -16.01 34.73 27.29
N ILE A 260 -16.39 33.48 27.52
CA ILE A 260 -16.80 33.00 28.86
C ILE A 260 -15.60 33.04 29.81
N SER A 261 -14.43 32.57 29.39
CA SER A 261 -13.26 32.36 30.26
C SER A 261 -12.45 33.66 30.38
N GLY A 262 -12.60 34.59 29.43
CA GLY A 262 -11.79 35.82 29.33
C GLY A 262 -10.36 35.54 28.91
N LYS A 263 -10.02 34.29 28.58
CA LYS A 263 -8.63 33.90 28.22
C LYS A 263 -8.45 33.99 26.72
N SER A 264 -7.20 34.17 26.30
CA SER A 264 -6.79 34.06 24.89
C SER A 264 -6.04 32.74 24.75
N ALA A 265 -6.63 31.79 24.00
CA ALA A 265 -6.14 30.40 23.90
C ALA A 265 -5.17 30.28 22.72
N THR A 266 -4.09 29.50 22.89
CA THR A 266 -3.18 29.06 21.80
C THR A 266 -3.89 27.89 21.09
N LYS A 267 -3.92 27.91 19.77
CA LYS A 267 -4.52 26.85 18.93
C LYS A 267 -3.39 25.93 18.50
N ASN A 268 -3.58 24.62 18.64
CA ASN A 268 -2.71 23.57 18.05
C ASN A 268 -3.56 22.85 17.01
N PHE A 269 -3.38 23.20 15.74
CA PHE A 269 -4.11 22.61 14.58
C PHE A 269 -3.48 21.26 14.27
N LEU A 270 -4.26 20.19 14.31
CA LEU A 270 -3.76 18.82 14.04
C LEU A 270 -4.36 18.30 12.74
N LYS A 271 -3.70 17.34 12.14
CA LYS A 271 -4.23 16.62 10.94
C LYS A 271 -5.63 16.10 11.31
N SER A 272 -6.58 16.23 10.40
CA SER A 272 -7.96 15.70 10.63
C SER A 272 -7.86 14.18 10.79
N VAL A 273 -8.78 13.62 11.53
CA VAL A 273 -8.77 12.17 11.91
C VAL A 273 -9.79 11.49 11.01
N PRO A 274 -9.52 10.27 10.51
CA PRO A 274 -10.50 9.59 9.69
C PRO A 274 -11.78 9.30 10.50
N GLY A 275 -12.92 9.29 9.81
CA GLY A 275 -14.21 8.79 10.31
C GLY A 275 -15.13 9.90 10.74
N GLU A 276 -14.67 11.15 10.64
CA GLU A 276 -15.42 12.35 11.06
C GLU A 276 -15.98 13.09 9.86
N PRO A 277 -17.30 13.36 9.80
CA PRO A 277 -17.85 14.26 8.79
C PRO A 277 -17.45 15.74 9.06
N LYS A 278 -17.40 16.53 8.00
CA LYS A 278 -17.21 18.01 8.07
C LYS A 278 -18.42 18.66 8.73
N GLN A 279 -19.60 18.06 8.66
CA GLN A 279 -20.83 18.73 9.15
C GLN A 279 -21.79 17.72 9.71
N THR A 280 -22.49 18.07 10.78
CA THR A 280 -23.74 17.36 11.15
C THR A 280 -24.81 18.40 11.36
N TRP A 281 -26.01 18.03 11.00
CA TRP A 281 -27.16 18.96 10.96
C TRP A 281 -28.41 18.09 10.87
N ALA A 282 -29.20 18.12 11.93
CA ALA A 282 -30.41 17.32 12.09
C ALA A 282 -31.57 18.11 11.51
N ASP A 283 -32.44 17.44 10.76
CA ASP A 283 -33.78 17.96 10.47
C ASP A 283 -34.61 17.41 11.62
N ILE A 284 -35.15 18.29 12.46
CA ILE A 284 -35.94 17.84 13.64
C ILE A 284 -37.44 18.02 13.40
N SER A 285 -37.91 18.15 12.15
CA SER A 285 -39.36 18.21 11.80
C SER A 285 -40.11 17.05 12.47
N LYS A 286 -39.63 15.83 12.26
CA LYS A 286 -40.29 14.61 12.82
C LYS A 286 -40.45 14.72 14.33
N ALA A 287 -39.37 14.99 15.06
CA ALA A 287 -39.42 15.08 16.55
C ALA A 287 -40.39 16.20 16.95
N SER A 288 -40.41 17.32 16.22
CA SER A 288 -41.36 18.44 16.45
C SER A 288 -42.81 17.91 16.35
N THR A 289 -43.19 17.27 15.24
CA THR A 289 -44.54 16.67 15.06
C THR A 289 -44.80 15.59 16.12
N LEU A 290 -43.91 14.63 16.27
CA LEU A 290 -44.19 13.39 17.04
C LEU A 290 -43.98 13.59 18.54
N LEU A 291 -43.04 14.44 18.95
CA LEU A 291 -42.65 14.52 20.39
C LEU A 291 -42.94 15.92 20.94
N GLN A 292 -43.33 16.88 20.11
CA GLN A 292 -43.45 18.31 20.50
C GLN A 292 -42.06 18.86 20.85
N TYR A 293 -41.01 18.26 20.28
CA TYR A 293 -39.60 18.52 20.66
C TYR A 293 -39.17 19.84 20.04
N SER A 294 -38.62 20.71 20.89
CA SER A 294 -38.10 22.03 20.51
C SER A 294 -36.96 22.36 21.46
N PRO A 295 -35.70 22.46 20.95
CA PRO A 295 -34.55 22.72 21.80
C PRO A 295 -34.54 24.21 22.15
N THR A 296 -34.34 24.53 23.42
CA THR A 296 -34.44 25.91 23.95
C THR A 296 -33.13 26.40 24.59
N VAL A 297 -32.07 25.60 24.71
CA VAL A 297 -30.82 26.10 25.36
C VAL A 297 -29.86 26.63 24.29
N SER A 298 -29.52 27.92 24.34
CA SER A 298 -28.51 28.53 23.45
C SER A 298 -27.15 27.89 23.74
N LEU A 299 -26.25 27.90 22.76
CA LEU A 299 -24.82 27.57 22.99
C LEU A 299 -24.21 28.46 24.08
N SER A 300 -24.46 29.77 24.10
CA SER A 300 -23.82 30.63 25.12
C SER A 300 -24.21 30.07 26.50
N ASP A 301 -25.47 29.77 26.76
CA ASP A 301 -25.87 29.28 28.10
C ASP A 301 -25.33 27.86 28.34
N GLY A 302 -25.44 26.98 27.35
CA GLY A 302 -25.01 25.58 27.52
C GLY A 302 -23.51 25.52 27.75
N LEU A 303 -22.75 26.33 27.04
CA LEU A 303 -21.27 26.31 27.14
C LEU A 303 -20.84 26.84 28.51
N GLU A 304 -21.54 27.85 29.02
CA GLU A 304 -21.23 28.37 30.39
C GLU A 304 -21.49 27.28 31.43
N ALA A 305 -22.63 26.61 31.35
CA ALA A 305 -22.97 25.47 32.21
C ALA A 305 -21.85 24.40 32.12
N GLU A 306 -21.34 24.08 30.91
CA GLU A 306 -20.30 23.03 30.84
C GLU A 306 -18.98 23.58 31.35
N TYR A 307 -18.66 24.83 31.02
CA TYR A 307 -17.48 25.55 31.57
C TYR A 307 -17.44 25.40 33.10
N ASP A 308 -18.53 25.74 33.78
CA ASP A 308 -18.59 25.72 35.27
C ASP A 308 -18.40 24.28 35.74
N TYR A 309 -19.07 23.34 35.09
CA TYR A 309 -18.92 21.91 35.46
C TYR A 309 -17.46 21.43 35.37
N ILE A 310 -16.80 21.69 34.24
CA ILE A 310 -15.39 21.27 34.02
C ILE A 310 -14.50 21.93 35.08
N LYS A 311 -14.68 23.22 35.33
CA LYS A 311 -13.90 23.94 36.37
C LYS A 311 -14.08 23.20 37.70
N GLN A 312 -15.33 22.93 38.07
CA GLN A 312 -15.68 22.29 39.37
C GLN A 312 -15.12 20.88 39.42
N LEU A 313 -15.22 20.13 38.32
CA LEU A 313 -14.71 18.74 38.24
C LEU A 313 -13.23 18.71 38.63
N TYR A 314 -12.43 19.60 38.04
CA TYR A 314 -10.95 19.58 38.16
C TYR A 314 -10.48 20.38 39.40
N LYS A 315 -11.33 21.12 40.11
CA LYS A 315 -10.98 21.58 41.49
C LYS A 315 -10.94 20.35 42.39
N GLY A 316 -11.87 19.42 42.18
CA GLY A 316 -11.95 18.16 42.95
C GLY A 316 -12.38 18.40 44.39
N ASP A 317 -13.17 19.46 44.68
CA ASP A 317 -13.66 19.79 46.05
C ASP A 317 -15.14 19.44 46.24
N ALA A 318 -15.98 19.53 45.19
CA ALA A 318 -17.37 18.99 45.23
C ALA A 318 -17.30 17.49 45.52
N ALA A 319 -18.30 16.95 46.24
CA ALA A 319 -18.39 15.53 46.65
C ALA A 319 -18.34 14.66 45.39
N TRP A 320 -19.15 15.05 44.39
CA TRP A 320 -19.30 14.34 43.10
C TRP A 320 -18.00 14.34 42.27
N SER A 321 -17.01 15.19 42.55
CA SER A 321 -15.68 15.05 41.90
C SER A 321 -14.81 14.13 42.76
N MET B 1 -1.69 -11.03 -12.93
CA MET B 1 -2.45 -10.48 -11.75
C MET B 1 -2.58 -11.55 -10.65
N LYS B 2 -2.48 -11.15 -9.37
CA LYS B 2 -2.51 -12.12 -8.24
C LYS B 2 -3.72 -11.81 -7.34
N ILE B 3 -4.56 -12.81 -7.06
CA ILE B 3 -5.94 -12.55 -6.58
C ILE B 3 -6.14 -13.34 -5.29
N LEU B 4 -6.57 -12.67 -4.21
CA LEU B 4 -6.93 -13.38 -2.97
C LEU B 4 -8.45 -13.66 -3.00
N VAL B 5 -8.84 -14.89 -2.75
CA VAL B 5 -10.27 -15.29 -2.62
C VAL B 5 -10.45 -15.79 -1.21
N THR B 6 -11.21 -15.09 -0.36
CA THR B 6 -11.54 -15.59 0.98
C THR B 6 -12.77 -16.50 0.85
N GLY B 7 -12.84 -17.54 1.69
CA GLY B 7 -13.86 -18.58 1.64
C GLY B 7 -13.74 -19.40 0.38
N ALA B 8 -12.52 -19.60 -0.11
CA ALA B 8 -12.20 -20.29 -1.38
C ALA B 8 -12.68 -21.74 -1.40
N ALA B 9 -12.91 -22.38 -0.27
CA ALA B 9 -13.34 -23.81 -0.24
C ALA B 9 -14.86 -23.92 -0.27
N GLY B 10 -15.58 -22.80 -0.17
CA GLY B 10 -17.04 -22.84 -0.06
C GLY B 10 -17.70 -23.04 -1.41
N PHE B 11 -19.03 -22.99 -1.42
CA PHE B 11 -19.89 -23.19 -2.61
C PHE B 11 -19.47 -22.24 -3.74
N ILE B 12 -19.59 -20.95 -3.50
CA ILE B 12 -19.30 -19.95 -4.57
C ILE B 12 -17.80 -19.79 -4.73
N GLY B 13 -17.05 -19.66 -3.63
CA GLY B 13 -15.59 -19.43 -3.69
C GLY B 13 -14.89 -20.48 -4.55
N SER B 14 -15.22 -21.77 -4.35
CA SER B 14 -14.55 -22.90 -5.06
C SER B 14 -14.77 -22.75 -6.56
N HIS B 15 -15.99 -22.41 -6.96
CA HIS B 15 -16.34 -22.14 -8.38
C HIS B 15 -15.61 -20.88 -8.83
N LEU B 16 -15.50 -19.82 -8.01
CA LEU B 16 -14.86 -18.57 -8.50
C LEU B 16 -13.38 -18.86 -8.80
N CYS B 17 -12.70 -19.62 -7.94
CA CYS B 17 -11.26 -19.92 -8.07
C CYS B 17 -11.01 -20.66 -9.40
N GLN B 18 -11.85 -21.66 -9.70
CA GLN B 18 -11.82 -22.42 -10.99
C GLN B 18 -12.03 -21.48 -12.17
N ALA B 19 -13.02 -20.59 -12.17
CA ALA B 19 -13.24 -19.64 -13.29
C ALA B 19 -12.00 -18.76 -13.50
N LEU B 20 -11.35 -18.31 -12.42
CA LEU B 20 -10.23 -17.34 -12.51
C LEU B 20 -8.99 -18.04 -13.09
N LEU B 21 -8.75 -19.30 -12.72
CA LEU B 21 -7.58 -20.09 -13.19
C LEU B 21 -7.67 -20.43 -14.70
N LYS B 22 -8.84 -20.36 -15.33
CA LYS B 22 -9.01 -20.47 -16.82
C LYS B 22 -8.32 -19.31 -17.56
N ASN B 23 -7.98 -18.22 -16.87
CA ASN B 23 -7.20 -17.09 -17.45
C ASN B 23 -5.75 -17.33 -17.01
N SER B 24 -4.87 -17.64 -17.98
CA SER B 24 -3.50 -18.16 -17.70
C SER B 24 -2.68 -17.05 -17.02
N ALA B 25 -3.12 -15.80 -17.18
CA ALA B 25 -2.52 -14.58 -16.61
C ALA B 25 -2.86 -14.44 -15.11
N TYR B 26 -3.86 -15.15 -14.56
CA TYR B 26 -4.26 -14.97 -13.12
C TYR B 26 -3.61 -16.04 -12.23
N HIS B 27 -3.03 -15.60 -11.11
CA HIS B 27 -2.59 -16.46 -9.97
C HIS B 27 -3.57 -16.20 -8.81
N VAL B 28 -4.00 -17.25 -8.11
CA VAL B 28 -5.10 -17.21 -7.11
C VAL B 28 -4.55 -17.77 -5.80
N VAL B 29 -4.72 -17.03 -4.71
CA VAL B 29 -4.54 -17.52 -3.33
C VAL B 29 -5.93 -17.62 -2.69
N GLY B 30 -6.32 -18.81 -2.24
CA GLY B 30 -7.56 -19.03 -1.50
C GLY B 30 -7.24 -19.21 -0.05
N ILE B 31 -8.08 -18.65 0.83
CA ILE B 31 -8.01 -18.91 2.29
C ILE B 31 -9.40 -19.31 2.77
N ASP B 32 -9.44 -20.36 3.58
CA ASP B 32 -10.69 -20.94 4.11
C ASP B 32 -10.32 -21.75 5.34
N HIS B 33 -11.13 -21.62 6.38
CA HIS B 33 -10.94 -22.24 7.71
C HIS B 33 -11.92 -23.40 7.88
N PHE B 34 -12.71 -23.71 6.86
CA PHE B 34 -13.65 -24.86 6.84
C PHE B 34 -14.58 -24.79 8.04
N ILE B 35 -15.32 -23.70 8.15
CA ILE B 35 -16.36 -23.54 9.20
C ILE B 35 -17.69 -23.21 8.48
N GLY B 36 -18.72 -22.89 9.25
CA GLY B 36 -20.06 -22.62 8.71
C GLY B 36 -20.90 -23.89 8.61
N PRO B 37 -22.05 -23.81 7.94
CA PRO B 37 -22.99 -24.93 7.88
C PRO B 37 -22.58 -26.13 7.01
N THR B 38 -21.63 -26.01 6.08
CA THR B 38 -21.23 -27.16 5.23
C THR B 38 -20.20 -27.96 6.01
N PRO B 39 -20.43 -29.26 6.32
CA PRO B 39 -19.39 -30.10 6.90
C PRO B 39 -18.15 -30.07 6.01
N ALA B 40 -16.97 -30.02 6.65
CA ALA B 40 -15.63 -29.93 6.05
C ALA B 40 -15.37 -31.09 5.08
N THR B 41 -15.93 -32.27 5.34
CA THR B 41 -15.80 -33.47 4.47
C THR B 41 -16.45 -33.20 3.10
N LEU B 42 -17.54 -32.43 3.05
CA LEU B 42 -18.23 -32.14 1.76
C LEU B 42 -17.53 -31.03 0.99
N LYS B 43 -16.53 -30.37 1.57
CA LYS B 43 -15.90 -29.15 1.00
C LYS B 43 -14.56 -29.49 0.38
N THR B 44 -13.90 -30.56 0.80
CA THR B 44 -12.58 -30.94 0.25
C THR B 44 -12.78 -31.41 -1.21
N GLY B 45 -14.00 -31.85 -1.56
CA GLY B 45 -14.42 -32.13 -2.96
C GLY B 45 -14.49 -30.87 -3.83
N ASN B 46 -14.90 -29.74 -3.25
CA ASN B 46 -14.97 -28.44 -3.94
C ASN B 46 -13.59 -28.03 -4.47
N ILE B 47 -12.48 -28.42 -3.81
CA ILE B 47 -11.14 -27.83 -4.09
C ILE B 47 -10.11 -28.87 -4.50
N GLN B 48 -10.46 -30.15 -4.64
CA GLN B 48 -9.40 -31.12 -5.03
C GLN B 48 -8.84 -30.67 -6.39
N SER B 49 -9.71 -30.37 -7.37
CA SER B 49 -9.33 -29.79 -8.69
C SER B 49 -8.34 -28.61 -8.50
N LEU B 50 -8.66 -27.65 -7.62
CA LEU B 50 -7.90 -26.37 -7.51
C LEU B 50 -6.45 -26.63 -7.09
N GLU B 51 -6.24 -27.52 -6.12
CA GLU B 51 -4.91 -27.80 -5.48
C GLU B 51 -3.88 -28.28 -6.52
N LEU B 52 -4.33 -29.01 -7.54
CA LEU B 52 -3.47 -29.54 -8.65
C LEU B 52 -2.92 -28.37 -9.46
N ASN B 53 -3.70 -27.32 -9.70
CA ASN B 53 -3.26 -26.13 -10.48
C ASN B 53 -2.14 -25.43 -9.69
N SER B 54 -1.09 -25.01 -10.39
CA SER B 54 0.19 -24.49 -9.83
C SER B 54 0.07 -22.98 -9.60
N ARG B 55 -0.79 -22.32 -10.37
CA ARG B 55 -1.15 -20.89 -10.17
C ARG B 55 -2.16 -20.73 -9.00
N PHE B 56 -2.50 -21.79 -8.25
CA PHE B 56 -3.41 -21.77 -7.05
C PHE B 56 -2.62 -22.12 -5.80
N GLN B 57 -2.58 -21.23 -4.81
CA GLN B 57 -2.09 -21.59 -3.45
C GLN B 57 -3.28 -21.50 -2.49
N PHE B 58 -3.36 -22.44 -1.55
CA PHE B 58 -4.45 -22.55 -0.57
C PHE B 58 -3.87 -22.40 0.84
N ILE B 59 -4.59 -21.70 1.72
CA ILE B 59 -4.20 -21.55 3.14
C ILE B 59 -5.42 -21.90 3.98
N ARG B 60 -5.25 -22.86 4.89
CA ARG B 60 -6.35 -23.38 5.72
C ARG B 60 -6.24 -22.71 7.08
N GLU B 61 -6.52 -21.42 7.17
CA GLU B 61 -6.39 -20.68 8.46
C GLU B 61 -7.64 -19.81 8.64
N ASP B 62 -7.94 -19.49 9.89
CA ASP B 62 -8.90 -18.42 10.24
C ASP B 62 -8.33 -17.07 9.82
N ILE B 63 -9.09 -16.30 9.05
CA ILE B 63 -8.72 -14.91 8.68
C ILE B 63 -8.38 -14.09 9.94
N LEU B 64 -9.07 -14.31 11.05
CA LEU B 64 -8.83 -13.58 12.34
C LEU B 64 -7.57 -14.09 13.05
N ASN B 65 -6.94 -15.17 12.57
CA ASN B 65 -5.83 -15.84 13.29
C ASN B 65 -4.72 -16.17 12.27
N THR B 66 -4.40 -15.22 11.39
CA THR B 66 -3.45 -15.40 10.27
C THR B 66 -2.70 -14.08 10.07
N ASP B 67 -1.50 -14.13 9.51
CA ASP B 67 -0.66 -12.92 9.26
C ASP B 67 -1.18 -12.27 7.98
N LEU B 68 -2.06 -11.28 8.12
CA LEU B 68 -2.78 -10.67 6.99
C LEU B 68 -1.78 -9.86 6.15
N SER B 69 -0.79 -9.25 6.80
CA SER B 69 0.28 -8.47 6.14
C SER B 69 1.01 -9.36 5.11
N LYS B 70 1.54 -10.51 5.52
CA LYS B 70 2.21 -11.47 4.59
C LYS B 70 1.21 -12.01 3.55
N LEU B 71 0.01 -12.44 3.95
CA LEU B 71 -1.05 -12.90 3.00
C LEU B 71 -1.30 -11.89 1.86
N LEU B 72 -1.34 -10.58 2.15
CA LEU B 72 -1.73 -9.53 1.18
C LEU B 72 -0.51 -8.91 0.45
N GLN B 73 0.73 -9.27 0.78
CA GLN B 73 1.96 -8.52 0.37
C GLN B 73 1.98 -8.23 -1.13
N ASP B 74 1.59 -9.20 -1.96
CA ASP B 74 1.71 -9.15 -3.44
C ASP B 74 0.33 -9.17 -4.12
N ILE B 75 -0.76 -8.99 -3.37
CA ILE B 75 -2.14 -9.17 -3.91
C ILE B 75 -2.56 -7.92 -4.67
N ASP B 76 -3.15 -8.11 -5.85
CA ASP B 76 -3.67 -7.01 -6.71
C ASP B 76 -5.15 -6.80 -6.41
N VAL B 77 -5.85 -7.91 -6.19
CA VAL B 77 -7.35 -7.96 -6.12
C VAL B 77 -7.75 -8.90 -4.99
N VAL B 78 -8.75 -8.54 -4.21
CA VAL B 78 -9.30 -9.40 -3.15
C VAL B 78 -10.75 -9.68 -3.54
N TYR B 79 -11.12 -10.95 -3.56
CA TYR B 79 -12.52 -11.38 -3.58
C TYR B 79 -12.85 -11.81 -2.15
N HIS B 80 -13.73 -11.08 -1.47
CA HIS B 80 -14.09 -11.41 -0.07
C HIS B 80 -15.45 -12.14 -0.01
N LEU B 81 -15.44 -13.48 0.08
CA LEU B 81 -16.61 -14.36 0.17
C LEU B 81 -16.71 -15.05 1.54
N ALA B 82 -15.65 -15.09 2.33
CA ALA B 82 -15.67 -15.74 3.65
C ALA B 82 -16.79 -15.11 4.45
N ALA B 83 -17.61 -15.93 5.08
CA ALA B 83 -18.74 -15.49 5.91
C ALA B 83 -19.41 -16.71 6.51
N ILE B 84 -20.27 -16.50 7.50
CA ILE B 84 -21.28 -17.45 7.96
C ILE B 84 -22.62 -17.07 7.34
N PRO B 85 -23.17 -17.90 6.41
CA PRO B 85 -24.44 -17.60 5.75
C PRO B 85 -25.55 -18.37 6.50
N GLY B 86 -26.78 -18.21 6.05
CA GLY B 86 -27.91 -18.99 6.60
C GLY B 86 -28.86 -18.09 7.34
N VAL B 87 -29.95 -17.71 6.67
CA VAL B 87 -30.96 -16.76 7.23
C VAL B 87 -31.54 -17.37 8.51
N ARG B 88 -31.76 -18.68 8.52
CA ARG B 88 -32.73 -19.32 9.45
C ARG B 88 -32.06 -19.61 10.82
N THR B 89 -30.74 -19.66 10.89
CA THR B 89 -29.99 -20.16 12.08
C THR B 89 -29.14 -19.02 12.67
N SER B 90 -29.57 -17.76 12.53
CA SER B 90 -28.83 -16.57 13.05
C SER B 90 -29.43 -16.01 14.37
N TRP B 91 -30.39 -16.70 15.01
CA TRP B 91 -31.06 -16.27 16.28
C TRP B 91 -30.33 -16.75 17.53
N GLY B 92 -30.69 -16.13 18.67
CA GLY B 92 -30.22 -16.53 20.02
C GLY B 92 -28.72 -16.75 20.06
N LYS B 93 -28.28 -17.92 20.52
CA LYS B 93 -26.85 -18.26 20.78
C LYS B 93 -26.10 -18.48 19.46
N ASP B 94 -26.82 -18.61 18.35
CA ASP B 94 -26.20 -18.88 17.03
C ASP B 94 -25.73 -17.58 16.38
N PHE B 95 -26.05 -16.41 16.96
CA PHE B 95 -25.76 -15.08 16.36
C PHE B 95 -24.27 -14.75 16.41
N GLN B 96 -23.57 -15.06 17.50
CA GLN B 96 -22.15 -14.67 17.71
C GLN B 96 -21.27 -15.04 16.51
N PRO B 97 -21.28 -16.27 15.97
CA PRO B 97 -20.41 -16.59 14.84
C PRO B 97 -20.72 -15.67 13.64
N TYR B 98 -21.95 -15.20 13.45
CA TYR B 98 -22.29 -14.25 12.35
C TYR B 98 -21.55 -12.92 12.54
N VAL B 99 -21.62 -12.37 13.74
CA VAL B 99 -20.86 -11.13 14.09
C VAL B 99 -19.36 -11.37 13.91
N THR B 100 -18.78 -12.41 14.48
CA THR B 100 -17.32 -12.68 14.40
C THR B 100 -16.89 -12.78 12.94
N ASN B 101 -17.58 -13.58 12.15
CA ASN B 101 -17.07 -13.96 10.82
C ASN B 101 -17.59 -13.04 9.72
N ASN B 102 -18.65 -12.26 9.97
CA ASN B 102 -19.21 -11.37 8.92
C ASN B 102 -18.82 -9.92 9.19
N ILE B 103 -18.60 -9.55 10.48
CA ILE B 103 -18.24 -8.15 10.85
C ILE B 103 -16.75 -8.08 11.20
N MET B 104 -16.28 -8.84 12.21
CA MET B 104 -14.88 -8.74 12.67
C MET B 104 -13.91 -9.13 11.54
N VAL B 105 -14.20 -10.21 10.81
CA VAL B 105 -13.38 -10.68 9.65
C VAL B 105 -13.25 -9.58 8.59
N THR B 106 -14.37 -8.98 8.19
CA THR B 106 -14.40 -7.91 7.18
C THR B 106 -13.56 -6.73 7.66
N GLN B 107 -13.75 -6.31 8.92
CA GLN B 107 -13.02 -5.16 9.48
C GLN B 107 -11.51 -5.47 9.47
N GLN B 108 -11.14 -6.69 9.87
CA GLN B 108 -9.71 -7.07 10.02
C GLN B 108 -9.05 -7.12 8.62
N LEU B 109 -9.76 -7.62 7.62
CA LEU B 109 -9.32 -7.68 6.21
C LEU B 109 -9.13 -6.27 5.66
N LEU B 110 -10.12 -5.40 5.89
CA LEU B 110 -10.01 -4.01 5.38
C LEU B 110 -8.88 -3.25 6.10
N GLU B 111 -8.67 -3.50 7.41
CA GLU B 111 -7.54 -2.89 8.18
C GLU B 111 -6.22 -3.33 7.50
N ALA B 112 -6.07 -4.61 7.15
CA ALA B 112 -4.86 -5.14 6.48
C ALA B 112 -4.71 -4.52 5.07
N CYS B 113 -5.79 -4.17 4.40
CA CYS B 113 -5.74 -3.66 3.00
C CYS B 113 -5.55 -2.13 2.95
N LYS B 114 -5.76 -1.40 4.05
CA LYS B 114 -5.95 0.08 3.99
C LYS B 114 -4.65 0.79 3.55
N HIS B 115 -3.49 0.17 3.78
CA HIS B 115 -2.16 0.76 3.45
C HIS B 115 -1.48 0.00 2.30
N ILE B 116 -2.25 -0.82 1.56
CA ILE B 116 -1.84 -1.65 0.38
C ILE B 116 -2.46 -1.04 -0.88
N LYS B 117 -1.76 -1.07 -2.01
CA LYS B 117 -2.27 -0.59 -3.32
C LYS B 117 -3.00 -1.74 -4.06
N LEU B 118 -4.20 -2.10 -3.65
CA LEU B 118 -5.07 -3.03 -4.43
C LEU B 118 -5.59 -2.30 -5.68
N ASP B 119 -5.83 -3.05 -6.76
CA ASP B 119 -6.67 -2.56 -7.89
C ASP B 119 -8.15 -2.62 -7.49
N LYS B 120 -8.58 -3.72 -6.86
CA LYS B 120 -10.00 -3.90 -6.45
C LYS B 120 -10.13 -4.75 -5.18
N PHE B 121 -11.09 -4.34 -4.34
CA PHE B 121 -11.63 -5.13 -3.22
C PHE B 121 -13.09 -5.42 -3.53
N ILE B 122 -13.38 -6.66 -3.94
CA ILE B 122 -14.71 -7.10 -4.38
C ILE B 122 -15.37 -7.85 -3.22
N HIS B 123 -16.33 -7.22 -2.59
CA HIS B 123 -16.97 -7.71 -1.35
C HIS B 123 -18.29 -8.35 -1.74
N ILE B 124 -18.48 -9.60 -1.36
CA ILE B 124 -19.71 -10.37 -1.69
C ILE B 124 -20.69 -10.18 -0.52
N SER B 125 -21.86 -9.66 -0.87
CA SER B 125 -22.98 -9.46 0.06
C SER B 125 -24.19 -10.21 -0.49
N THR B 126 -25.38 -9.88 -0.02
CA THR B 126 -26.56 -10.74 -0.14
C THR B 126 -27.83 -9.93 -0.35
N SER B 127 -28.78 -10.48 -1.09
CA SER B 127 -30.17 -9.96 -1.20
C SER B 127 -30.79 -9.81 0.20
N SER B 128 -30.26 -10.51 1.22
CA SER B 128 -30.86 -10.52 2.57
C SER B 128 -30.68 -9.16 3.26
N VAL B 129 -29.81 -8.28 2.77
CA VAL B 129 -29.76 -6.88 3.30
C VAL B 129 -31.09 -6.14 3.00
N TYR B 130 -31.82 -6.49 1.93
CA TYR B 130 -33.03 -5.72 1.50
C TYR B 130 -34.23 -5.97 2.42
N GLY B 131 -34.51 -7.19 2.88
CA GLY B 131 -35.79 -7.45 3.59
C GLY B 131 -36.95 -7.36 2.61
N GLU B 132 -38.19 -7.28 3.09
CA GLU B 132 -39.40 -7.52 2.27
C GLU B 132 -39.63 -6.29 1.38
N LYS B 133 -39.67 -6.49 0.06
CA LYS B 133 -39.91 -5.38 -0.90
C LYS B 133 -40.86 -5.87 -1.98
N SER B 134 -41.80 -5.01 -2.38
CA SER B 134 -42.63 -5.16 -3.59
C SER B 134 -41.75 -4.91 -4.82
N GLY B 135 -41.73 -5.83 -5.79
CA GLY B 135 -41.15 -5.59 -7.13
C GLY B 135 -39.66 -5.86 -7.14
N ALA B 136 -39.01 -5.54 -8.25
CA ALA B 136 -37.58 -5.77 -8.52
C ALA B 136 -36.77 -4.74 -7.74
N VAL B 137 -35.92 -5.16 -6.78
CA VAL B 137 -35.17 -4.21 -5.91
C VAL B 137 -33.88 -3.76 -6.62
N SER B 138 -33.65 -2.46 -6.66
CA SER B 138 -32.35 -1.93 -7.14
C SER B 138 -31.55 -1.44 -5.93
N GLU B 139 -30.31 -1.10 -6.24
CA GLU B 139 -29.22 -0.90 -5.27
C GLU B 139 -29.36 0.42 -4.51
N ASP B 140 -30.32 1.30 -4.86
CA ASP B 140 -30.52 2.61 -4.17
C ASP B 140 -31.62 2.52 -3.09
N LEU B 141 -32.29 1.38 -2.94
CA LEU B 141 -33.36 1.22 -1.92
C LEU B 141 -32.72 1.13 -0.52
N LEU B 142 -33.36 1.77 0.45
CA LEU B 142 -32.97 1.75 1.88
C LEU B 142 -33.04 0.28 2.30
N PRO B 143 -31.90 -0.39 2.59
CA PRO B 143 -31.95 -1.79 2.99
C PRO B 143 -32.44 -1.84 4.43
N ILE B 144 -33.47 -2.62 4.72
CA ILE B 144 -33.87 -2.97 6.11
C ILE B 144 -33.92 -4.49 6.26
N PRO B 145 -32.81 -5.12 6.74
CA PRO B 145 -32.75 -6.57 6.89
C PRO B 145 -33.90 -7.12 7.74
N LEU B 146 -34.33 -8.34 7.42
CA LEU B 146 -35.39 -9.09 8.15
C LEU B 146 -34.76 -10.09 9.09
N SER B 147 -33.48 -10.44 8.88
CA SER B 147 -32.80 -11.45 9.71
C SER B 147 -31.57 -10.84 10.35
N PRO B 148 -31.12 -11.45 11.46
CA PRO B 148 -29.81 -11.12 12.01
C PRO B 148 -28.66 -11.39 11.03
N TYR B 149 -28.76 -12.45 10.23
CA TYR B 149 -27.80 -12.71 9.14
C TYR B 149 -27.65 -11.45 8.31
N GLY B 150 -28.76 -10.98 7.74
CA GLY B 150 -28.84 -9.80 6.86
C GLY B 150 -28.24 -8.59 7.53
N VAL B 151 -28.49 -8.41 8.82
CA VAL B 151 -27.87 -7.28 9.55
C VAL B 151 -26.33 -7.38 9.49
N THR B 152 -25.75 -8.54 9.84
CA THR B 152 -24.29 -8.69 9.90
C THR B 152 -23.74 -8.46 8.49
N LYS B 153 -24.44 -8.88 7.45
CA LYS B 153 -23.90 -8.77 6.09
C LYS B 153 -23.96 -7.31 5.65
N LEU B 154 -24.99 -6.58 6.07
CA LEU B 154 -25.12 -5.13 5.74
C LEU B 154 -24.02 -4.35 6.47
N SER B 155 -23.68 -4.78 7.69
CA SER B 155 -22.61 -4.23 8.53
C SER B 155 -21.25 -4.38 7.81
N GLY B 156 -21.00 -5.51 7.13
CA GLY B 156 -19.80 -5.71 6.29
C GLY B 156 -19.75 -4.71 5.13
N GLU B 157 -20.86 -4.52 4.44
CA GLU B 157 -21.00 -3.52 3.32
C GLU B 157 -20.62 -2.15 3.85
N HIS B 158 -21.21 -1.77 4.98
CA HIS B 158 -20.96 -0.46 5.63
C HIS B 158 -19.46 -0.30 5.96
N LEU B 159 -18.82 -1.33 6.53
CA LEU B 159 -17.36 -1.30 6.78
C LEU B 159 -16.66 -1.05 5.44
N CYS B 160 -17.08 -1.67 4.33
CA CYS B 160 -16.39 -1.41 3.04
C CYS B 160 -16.47 0.08 2.71
N HIS B 161 -17.61 0.71 2.89
CA HIS B 161 -17.84 2.16 2.59
C HIS B 161 -16.98 3.04 3.51
N VAL B 162 -16.86 2.67 4.78
CA VAL B 162 -15.96 3.38 5.74
C VAL B 162 -14.52 3.36 5.22
N TYR B 163 -14.00 2.20 4.81
CA TYR B 163 -12.56 2.06 4.45
C TYR B 163 -12.33 2.64 3.04
N HIS B 164 -13.33 2.55 2.15
CA HIS B 164 -13.30 3.23 0.82
C HIS B 164 -13.19 4.75 1.03
N LYS B 165 -14.07 5.32 1.83
CA LYS B 165 -14.17 6.80 2.00
C LYS B 165 -12.91 7.31 2.69
N ASN B 166 -12.41 6.59 3.68
CA ASN B 166 -11.32 7.11 4.54
C ASN B 166 -9.94 6.73 3.99
N PHE B 167 -9.78 5.58 3.34
CA PHE B 167 -8.45 5.04 2.99
C PHE B 167 -8.36 4.70 1.50
N HIS B 168 -9.39 5.04 0.73
CA HIS B 168 -9.48 4.84 -0.74
C HIS B 168 -9.27 3.37 -1.06
N ILE B 169 -9.71 2.42 -0.21
CA ILE B 169 -9.72 0.99 -0.63
C ILE B 169 -10.70 0.90 -1.80
N PRO B 170 -10.29 0.38 -2.97
CA PRO B 170 -11.16 0.38 -4.17
C PRO B 170 -12.25 -0.70 -4.13
N ILE B 171 -13.23 -0.50 -3.26
CA ILE B 171 -14.30 -1.50 -3.00
C ILE B 171 -15.24 -1.57 -4.18
N VAL B 172 -15.76 -2.76 -4.41
CA VAL B 172 -17.01 -2.99 -5.19
C VAL B 172 -17.85 -3.97 -4.35
N ILE B 173 -19.14 -3.71 -4.24
CA ILE B 173 -20.05 -4.65 -3.52
C ILE B 173 -20.94 -5.35 -4.56
N LEU B 174 -20.97 -6.68 -4.51
CA LEU B 174 -21.95 -7.50 -5.25
C LEU B 174 -22.96 -8.09 -4.27
N ARG B 175 -24.24 -7.90 -4.54
CA ARG B 175 -25.30 -8.58 -3.77
C ARG B 175 -25.82 -9.76 -4.59
N TYR B 176 -25.51 -10.97 -4.14
CA TYR B 176 -26.04 -12.19 -4.73
C TYR B 176 -27.47 -12.41 -4.25
N PHE B 177 -28.28 -12.95 -5.15
CA PHE B 177 -29.65 -13.47 -4.91
C PHE B 177 -29.60 -15.01 -5.01
N THR B 178 -30.09 -15.70 -3.98
CA THR B 178 -30.11 -17.17 -3.77
C THR B 178 -29.37 -17.93 -4.89
N VAL B 179 -28.14 -18.32 -4.63
CA VAL B 179 -27.32 -19.04 -5.65
C VAL B 179 -27.56 -20.53 -5.50
N TYR B 180 -27.61 -21.26 -6.62
CA TYR B 180 -27.85 -22.72 -6.63
C TYR B 180 -27.02 -23.36 -7.73
N GLY B 181 -26.94 -24.68 -7.69
CA GLY B 181 -26.20 -25.50 -8.67
C GLY B 181 -25.33 -26.51 -7.93
N PRO B 182 -24.42 -27.15 -8.69
CA PRO B 182 -23.44 -28.06 -8.09
C PRO B 182 -22.66 -27.35 -6.97
N ARG B 183 -22.43 -28.11 -5.91
CA ARG B 183 -21.71 -27.75 -4.66
C ARG B 183 -22.57 -26.83 -3.79
N GLN B 184 -23.82 -26.57 -4.15
CA GLN B 184 -24.73 -25.79 -3.25
C GLN B 184 -24.60 -26.35 -1.83
N ARG B 185 -24.53 -25.46 -0.85
CA ARG B 185 -24.44 -25.83 0.60
C ARG B 185 -25.61 -26.73 0.99
N PRO B 186 -25.37 -27.76 1.84
CA PRO B 186 -26.44 -28.67 2.28
C PRO B 186 -27.54 -28.06 3.16
N ASP B 187 -27.40 -26.82 3.66
CA ASP B 187 -28.49 -26.18 4.44
C ASP B 187 -29.44 -25.43 3.50
N MET B 188 -29.10 -25.30 2.22
CA MET B 188 -29.98 -24.58 1.26
C MET B 188 -31.11 -25.47 0.74
N ALA B 189 -32.16 -24.80 0.26
CA ALA B 189 -33.45 -25.44 -0.10
C ALA B 189 -33.21 -26.54 -1.16
N PHE B 190 -32.57 -26.24 -2.27
CA PHE B 190 -32.54 -27.24 -3.38
C PHE B 190 -31.74 -28.46 -2.96
N HIS B 191 -30.60 -28.28 -2.27
CA HIS B 191 -29.79 -29.43 -1.76
C HIS B 191 -30.68 -30.29 -0.87
N ARG B 192 -31.35 -29.68 0.10
CA ARG B 192 -32.21 -30.42 1.04
C ARG B 192 -33.33 -31.13 0.28
N LEU B 193 -34.05 -30.41 -0.61
CA LEU B 193 -35.25 -30.96 -1.30
C LEU B 193 -34.81 -32.12 -2.20
N ILE B 194 -33.72 -31.97 -2.95
CA ILE B 194 -33.22 -33.05 -3.85
C ILE B 194 -32.79 -34.27 -3.01
N LYS B 195 -32.03 -34.05 -1.92
CA LYS B 195 -31.57 -35.15 -1.04
C LYS B 195 -32.78 -35.88 -0.45
N GLN B 196 -33.78 -35.14 0.00
CA GLN B 196 -35.00 -35.77 0.60
C GLN B 196 -35.72 -36.56 -0.50
N MET B 197 -35.90 -35.99 -1.68
CA MET B 197 -36.62 -36.72 -2.75
C MET B 197 -35.86 -38.01 -3.11
N LEU B 198 -34.52 -37.99 -3.16
CA LEU B 198 -33.69 -39.17 -3.50
C LEU B 198 -33.74 -40.22 -2.39
N GLU B 199 -33.84 -39.83 -1.13
CA GLU B 199 -33.83 -40.78 0.02
C GLU B 199 -35.26 -41.25 0.28
N ASP B 200 -36.24 -40.80 -0.50
CA ASP B 200 -37.70 -41.04 -0.33
C ASP B 200 -38.17 -40.52 1.03
N LYS B 201 -37.60 -39.42 1.53
CA LYS B 201 -38.09 -38.74 2.76
C LYS B 201 -39.06 -37.64 2.37
N PRO B 202 -39.98 -37.25 3.28
CA PRO B 202 -40.87 -36.12 3.01
C PRO B 202 -40.03 -34.86 2.73
N LEU B 203 -40.49 -34.06 1.77
CA LEU B 203 -39.86 -32.77 1.41
C LEU B 203 -40.24 -31.72 2.47
N THR B 204 -39.26 -31.10 3.11
CA THR B 204 -39.51 -30.08 4.17
C THR B 204 -39.83 -28.75 3.48
N ILE B 205 -41.07 -28.31 3.61
CA ILE B 205 -41.49 -26.98 3.08
C ILE B 205 -41.78 -26.07 4.25
N PHE B 206 -41.08 -24.94 4.35
CA PHE B 206 -41.37 -23.91 5.38
C PHE B 206 -42.47 -23.00 4.85
N GLY B 207 -43.55 -22.90 5.63
CA GLY B 207 -44.74 -22.13 5.25
C GLY B 207 -45.53 -22.91 4.24
N ASP B 208 -46.07 -22.23 3.24
CA ASP B 208 -47.00 -22.82 2.26
C ASP B 208 -46.27 -23.16 0.96
N GLY B 209 -44.98 -22.80 0.82
CA GLY B 209 -44.20 -23.17 -0.37
C GLY B 209 -44.47 -22.25 -1.56
N THR B 210 -45.27 -21.20 -1.37
CA THR B 210 -45.61 -20.20 -2.43
C THR B 210 -44.58 -19.06 -2.43
N GLN B 211 -43.69 -18.99 -1.44
CA GLN B 211 -42.56 -18.02 -1.41
C GLN B 211 -41.71 -18.22 -2.68
N THR B 212 -41.21 -17.12 -3.24
CA THR B 212 -40.45 -17.13 -4.52
C THR B 212 -39.06 -16.58 -4.22
N ARG B 213 -38.14 -16.89 -5.12
CA ARG B 213 -36.76 -16.38 -5.05
C ARG B 213 -36.31 -16.11 -6.47
N ASP B 214 -35.38 -15.17 -6.56
CA ASP B 214 -34.58 -14.89 -7.77
C ASP B 214 -33.40 -15.85 -7.72
N PHE B 215 -33.63 -17.13 -8.04
CA PHE B 215 -32.60 -18.19 -8.07
C PHE B 215 -31.57 -17.91 -9.16
N THR B 216 -30.30 -17.95 -8.78
CA THR B 216 -29.17 -17.54 -9.65
C THR B 216 -28.29 -18.75 -9.81
N TYR B 217 -28.19 -19.24 -11.03
CA TYR B 217 -27.40 -20.44 -11.27
C TYR B 217 -25.95 -20.01 -11.03
N ILE B 218 -25.19 -20.89 -10.43
CA ILE B 218 -23.79 -20.64 -10.00
C ILE B 218 -22.96 -20.13 -11.17
N ASP B 219 -23.12 -20.66 -12.39
CA ASP B 219 -22.22 -20.28 -13.51
C ASP B 219 -22.53 -18.82 -13.88
N ASP B 220 -23.80 -18.40 -13.76
CA ASP B 220 -24.27 -17.01 -14.01
C ASP B 220 -23.64 -16.09 -12.94
N CYS B 221 -23.77 -16.49 -11.67
CA CYS B 221 -23.18 -15.83 -10.48
C CYS B 221 -21.68 -15.58 -10.74
N ILE B 222 -20.96 -16.60 -11.16
CA ILE B 222 -19.50 -16.53 -11.38
C ILE B 222 -19.17 -15.62 -12.57
N ARG B 223 -19.98 -15.61 -13.64
CA ARG B 223 -19.76 -14.72 -14.81
C ARG B 223 -19.90 -13.27 -14.35
N GLY B 224 -20.93 -12.92 -13.58
CA GLY B 224 -21.09 -11.53 -13.08
C GLY B 224 -19.93 -11.12 -12.19
N THR B 225 -19.40 -12.10 -11.44
CA THR B 225 -18.41 -11.91 -10.36
C THR B 225 -17.05 -11.64 -11.01
N VAL B 226 -16.65 -12.49 -11.95
CA VAL B 226 -15.43 -12.32 -12.79
C VAL B 226 -15.57 -11.01 -13.57
N ALA B 227 -16.77 -10.67 -14.05
CA ALA B 227 -17.00 -9.43 -14.83
C ALA B 227 -16.66 -8.22 -13.95
N ALA B 228 -16.83 -8.31 -12.62
CA ALA B 228 -16.63 -7.18 -11.69
C ALA B 228 -15.13 -6.83 -11.65
N LEU B 229 -14.28 -7.83 -11.83
CA LEU B 229 -12.82 -7.65 -12.01
C LEU B 229 -12.50 -7.11 -13.41
N GLU B 230 -13.08 -7.69 -14.46
CA GLU B 230 -12.57 -7.55 -15.86
C GLU B 230 -13.25 -6.38 -16.57
N THR B 231 -14.37 -5.87 -16.08
CA THR B 231 -15.06 -4.74 -16.75
C THR B 231 -14.05 -3.61 -16.95
N LYS B 232 -14.27 -2.77 -17.96
CA LYS B 232 -13.42 -1.61 -18.31
C LYS B 232 -14.09 -0.32 -17.83
N LYS B 233 -15.31 -0.40 -17.30
CA LYS B 233 -15.96 0.73 -16.61
C LYS B 233 -15.42 0.79 -15.17
N ASN B 234 -15.19 1.99 -14.65
CA ASN B 234 -14.90 2.22 -13.21
C ASN B 234 -16.19 1.86 -12.47
N ILE B 235 -16.13 0.84 -11.60
CA ILE B 235 -17.28 0.46 -10.74
C ILE B 235 -16.90 0.64 -9.27
N ILE B 236 -15.74 1.25 -9.01
CA ILE B 236 -15.23 1.49 -7.63
C ILE B 236 -16.34 2.20 -6.89
N GLY B 237 -16.69 1.72 -5.70
CA GLY B 237 -17.72 2.32 -4.84
C GLY B 237 -19.13 1.83 -5.15
N GLU B 238 -19.36 1.09 -6.23
CA GLU B 238 -20.73 0.66 -6.63
C GLU B 238 -21.17 -0.62 -5.89
N VAL B 239 -22.44 -0.64 -5.51
CA VAL B 239 -23.25 -1.83 -5.13
C VAL B 239 -23.99 -2.34 -6.38
N ILE B 240 -23.81 -3.61 -6.72
CA ILE B 240 -24.38 -4.22 -7.95
C ILE B 240 -25.15 -5.49 -7.56
N ASN B 241 -26.44 -5.55 -7.85
CA ASN B 241 -27.23 -6.80 -7.72
C ASN B 241 -26.79 -7.82 -8.77
N ILE B 242 -26.59 -9.08 -8.36
CA ILE B 242 -26.41 -10.23 -9.29
C ILE B 242 -27.53 -11.22 -9.04
N GLY B 243 -28.50 -11.27 -9.98
CA GLY B 243 -29.72 -12.09 -9.90
C GLY B 243 -29.83 -13.05 -11.07
N GLY B 244 -30.92 -13.80 -11.13
CA GLY B 244 -31.02 -15.02 -11.95
C GLY B 244 -31.90 -14.85 -13.18
N LYS B 245 -31.97 -15.93 -13.98
CA LYS B 245 -32.73 -15.97 -15.25
C LYS B 245 -34.23 -16.01 -14.93
N GLU B 246 -34.67 -16.87 -14.00
CA GLU B 246 -36.11 -17.22 -13.81
C GLU B 246 -36.38 -17.33 -12.29
N GLN B 247 -37.42 -16.62 -11.83
CA GLN B 247 -37.98 -16.71 -10.47
C GLN B 247 -38.91 -17.92 -10.40
N ALA B 248 -39.02 -18.54 -9.22
CA ALA B 248 -39.85 -19.73 -8.97
C ALA B 248 -40.19 -19.79 -7.49
N SER B 249 -41.39 -20.27 -7.20
CA SER B 249 -41.83 -20.70 -5.85
C SER B 249 -41.17 -22.05 -5.54
N ILE B 250 -41.14 -22.44 -4.27
CA ILE B 250 -40.62 -23.78 -3.85
C ILE B 250 -41.55 -24.87 -4.43
N LEU B 251 -42.87 -24.63 -4.45
CA LEU B 251 -43.85 -25.57 -5.05
C LEU B 251 -43.46 -25.82 -6.51
N ASP B 252 -43.12 -24.75 -7.25
CA ASP B 252 -42.76 -24.86 -8.68
C ASP B 252 -41.51 -25.73 -8.80
N ILE B 253 -40.56 -25.52 -7.89
CA ILE B 253 -39.25 -26.23 -7.96
C ILE B 253 -39.50 -27.71 -7.69
N ILE B 254 -40.40 -28.03 -6.75
CA ILE B 254 -40.71 -29.45 -6.39
C ILE B 254 -41.28 -30.17 -7.62
N SER B 255 -42.18 -29.53 -8.37
CA SER B 255 -42.75 -30.06 -9.65
C SER B 255 -41.62 -30.31 -10.65
N MET B 256 -40.71 -29.37 -10.81
CA MET B 256 -39.62 -29.53 -11.80
C MET B 256 -38.73 -30.68 -11.35
N LEU B 257 -38.50 -30.87 -10.03
CA LEU B 257 -37.65 -31.99 -9.55
C LEU B 257 -38.36 -33.32 -9.81
N GLU B 258 -39.67 -33.40 -9.56
CA GLU B 258 -40.49 -34.61 -9.84
C GLU B 258 -40.42 -34.94 -11.32
N LYS B 259 -40.30 -33.95 -12.20
CA LYS B 259 -40.19 -34.19 -13.65
C LYS B 259 -38.80 -34.72 -13.96
N ILE B 260 -37.76 -34.27 -13.27
CA ILE B 260 -36.39 -34.78 -13.53
C ILE B 260 -36.33 -36.24 -13.03
N SER B 261 -36.83 -36.51 -11.82
CA SER B 261 -36.65 -37.79 -11.10
C SER B 261 -37.69 -38.82 -11.54
N GLY B 262 -38.87 -38.35 -11.96
CA GLY B 262 -40.06 -39.19 -12.21
C GLY B 262 -40.72 -39.64 -10.91
N LYS B 263 -40.27 -39.11 -9.78
CA LYS B 263 -40.76 -39.52 -8.44
C LYS B 263 -41.95 -38.65 -8.07
N SER B 264 -42.84 -39.20 -7.27
CA SER B 264 -43.93 -38.47 -6.58
C SER B 264 -43.48 -38.25 -5.12
N ALA B 265 -43.28 -37.00 -4.72
CA ALA B 265 -42.71 -36.66 -3.39
C ALA B 265 -43.83 -36.41 -2.39
N THR B 266 -43.64 -36.83 -1.15
CA THR B 266 -44.48 -36.48 0.01
C THR B 266 -44.04 -35.11 0.48
N LYS B 267 -44.97 -34.17 0.52
CA LYS B 267 -44.69 -32.80 1.04
C LYS B 267 -44.89 -32.84 2.55
N ASN B 268 -43.92 -32.37 3.33
CA ASN B 268 -44.11 -32.06 4.78
C ASN B 268 -44.11 -30.53 4.92
N PHE B 269 -45.27 -29.94 5.20
CA PHE B 269 -45.40 -28.47 5.43
C PHE B 269 -45.14 -28.14 6.90
N LEU B 270 -44.14 -27.30 7.15
CA LEU B 270 -43.72 -26.92 8.53
C LEU B 270 -44.06 -25.46 8.77
N LYS B 271 -43.91 -25.01 10.01
CA LYS B 271 -44.10 -23.59 10.40
C LYS B 271 -43.17 -22.70 9.55
N SER B 272 -43.63 -21.52 9.15
CA SER B 272 -42.74 -20.48 8.58
C SER B 272 -41.61 -20.21 9.57
N VAL B 273 -40.44 -19.85 9.07
CA VAL B 273 -39.24 -19.51 9.89
C VAL B 273 -39.10 -17.99 9.89
N PRO B 274 -38.94 -17.32 11.06
CA PRO B 274 -38.89 -15.86 11.05
C PRO B 274 -37.64 -15.38 10.28
N GLY B 275 -37.74 -14.19 9.69
CA GLY B 275 -36.59 -13.47 9.14
C GLY B 275 -36.38 -13.75 7.67
N GLU B 276 -37.33 -14.44 7.03
CA GLU B 276 -37.29 -14.70 5.57
C GLU B 276 -38.33 -13.84 4.88
N PRO B 277 -38.01 -13.20 3.73
CA PRO B 277 -39.04 -12.55 2.93
C PRO B 277 -39.90 -13.57 2.17
N LYS B 278 -41.08 -13.16 1.68
CA LYS B 278 -41.98 -13.98 0.82
C LYS B 278 -41.45 -13.98 -0.62
N GLN B 279 -40.63 -13.00 -0.97
CA GLN B 279 -40.23 -12.81 -2.37
C GLN B 279 -38.88 -12.09 -2.38
N THR B 280 -37.97 -12.52 -3.25
CA THR B 280 -36.78 -11.75 -3.66
C THR B 280 -36.83 -11.65 -5.18
N TRP B 281 -36.39 -10.51 -5.69
CA TRP B 281 -36.50 -10.14 -7.12
C TRP B 281 -35.52 -8.99 -7.36
N ALA B 282 -34.42 -9.30 -8.02
CA ALA B 282 -33.31 -8.36 -8.31
C ALA B 282 -33.67 -7.54 -9.57
N ASP B 283 -33.55 -6.22 -9.48
CA ASP B 283 -33.28 -5.38 -10.66
C ASP B 283 -31.80 -5.58 -11.05
N ILE B 284 -31.55 -6.10 -12.24
CA ILE B 284 -30.17 -6.34 -12.75
C ILE B 284 -29.81 -5.30 -13.83
N SER B 285 -30.59 -4.21 -13.94
CA SER B 285 -30.31 -3.01 -14.81
C SER B 285 -28.84 -2.60 -14.69
N LYS B 286 -28.38 -2.35 -13.46
CA LYS B 286 -27.02 -1.85 -13.18
C LYS B 286 -25.98 -2.90 -13.60
N ALA B 287 -26.16 -4.18 -13.25
CA ALA B 287 -25.19 -5.23 -13.65
C ALA B 287 -25.17 -5.31 -15.17
N SER B 288 -26.32 -5.14 -15.84
CA SER B 288 -26.42 -5.06 -17.32
C SER B 288 -25.45 -3.99 -17.87
N THR B 289 -25.64 -2.73 -17.50
CA THR B 289 -24.83 -1.56 -17.92
C THR B 289 -23.35 -1.81 -17.60
N LEU B 290 -23.02 -2.04 -16.33
CA LEU B 290 -21.63 -1.92 -15.80
C LEU B 290 -20.81 -3.18 -16.07
N LEU B 291 -21.42 -4.37 -16.09
CA LEU B 291 -20.66 -5.65 -16.21
C LEU B 291 -21.04 -6.41 -17.49
N GLN B 292 -21.98 -5.92 -18.30
CA GLN B 292 -22.52 -6.70 -19.46
C GLN B 292 -23.17 -7.98 -18.92
N TYR B 293 -23.76 -7.94 -17.73
CA TYR B 293 -24.22 -9.18 -17.06
C TYR B 293 -25.57 -9.55 -17.65
N SER B 294 -25.69 -10.80 -18.08
CA SER B 294 -26.95 -11.41 -18.55
C SER B 294 -26.98 -12.87 -18.09
N PRO B 295 -27.90 -13.24 -17.17
CA PRO B 295 -28.00 -14.64 -16.76
C PRO B 295 -28.62 -15.47 -17.91
N THR B 296 -28.04 -16.63 -18.22
CA THR B 296 -28.45 -17.42 -19.41
C THR B 296 -28.99 -18.79 -19.01
N VAL B 297 -28.77 -19.26 -17.77
CA VAL B 297 -29.03 -20.70 -17.44
C VAL B 297 -30.45 -20.84 -16.90
N SER B 298 -31.25 -21.66 -17.56
CA SER B 298 -32.65 -21.91 -17.19
C SER B 298 -32.69 -22.73 -15.90
N LEU B 299 -33.77 -22.61 -15.14
CA LEU B 299 -34.02 -23.39 -13.92
C LEU B 299 -33.98 -24.89 -14.24
N SER B 300 -34.58 -25.35 -15.33
CA SER B 300 -34.61 -26.79 -15.68
C SER B 300 -33.18 -27.29 -15.86
N ASP B 301 -32.34 -26.57 -16.61
CA ASP B 301 -30.93 -26.97 -16.83
C ASP B 301 -30.15 -26.90 -15.50
N GLY B 302 -30.24 -25.78 -14.78
CA GLY B 302 -29.55 -25.62 -13.49
C GLY B 302 -29.98 -26.69 -12.51
N LEU B 303 -31.29 -26.87 -12.35
CA LEU B 303 -31.85 -27.81 -11.35
C LEU B 303 -31.33 -29.20 -11.63
N GLU B 304 -31.25 -29.56 -12.91
CA GLU B 304 -30.78 -30.89 -13.33
C GLU B 304 -29.28 -31.03 -13.05
N ALA B 305 -28.49 -29.97 -13.26
CA ALA B 305 -27.04 -30.05 -12.94
C ALA B 305 -26.90 -30.25 -11.42
N GLU B 306 -27.72 -29.57 -10.61
CA GLU B 306 -27.64 -29.70 -9.13
C GLU B 306 -28.12 -31.10 -8.73
N TYR B 307 -29.20 -31.60 -9.33
CA TYR B 307 -29.73 -32.96 -9.10
C TYR B 307 -28.62 -33.99 -9.30
N ASP B 308 -27.95 -33.92 -10.46
CA ASP B 308 -26.83 -34.81 -10.80
C ASP B 308 -25.72 -34.69 -9.76
N TYR B 309 -25.37 -33.47 -9.39
CA TYR B 309 -24.30 -33.25 -8.38
C TYR B 309 -24.68 -33.92 -7.08
N ILE B 310 -25.92 -33.73 -6.62
CA ILE B 310 -26.37 -34.31 -5.32
C ILE B 310 -26.30 -35.84 -5.41
N LYS B 311 -26.75 -36.43 -6.51
CA LYS B 311 -26.71 -37.91 -6.69
C LYS B 311 -25.25 -38.38 -6.58
N GLN B 312 -24.32 -37.70 -7.25
CA GLN B 312 -22.86 -38.02 -7.25
C GLN B 312 -22.30 -37.85 -5.83
N LEU B 313 -22.72 -36.81 -5.11
CA LEU B 313 -22.17 -36.50 -3.77
C LEU B 313 -22.46 -37.65 -2.80
N TYR B 314 -23.71 -38.13 -2.75
CA TYR B 314 -24.17 -39.14 -1.76
C TYR B 314 -24.13 -40.59 -2.32
N LYS B 315 -23.96 -40.76 -3.65
CA LYS B 315 -24.22 -41.99 -4.48
C LYS B 315 -25.08 -43.04 -3.74
N MET C 1 1.47 10.97 12.85
CA MET C 1 2.16 10.58 11.57
C MET C 1 3.41 9.78 11.91
N LYS C 2 3.64 8.68 11.20
CA LYS C 2 4.72 7.75 11.52
C LYS C 2 5.78 7.84 10.40
N ILE C 3 6.99 8.21 10.78
CA ILE C 3 8.09 8.52 9.85
C ILE C 3 9.25 7.56 10.14
N LEU C 4 9.73 6.89 9.11
CA LEU C 4 10.95 6.07 9.17
C LEU C 4 12.11 6.98 8.76
N VAL C 5 13.17 7.02 9.55
CA VAL C 5 14.43 7.69 9.15
C VAL C 5 15.53 6.64 9.10
N THR C 6 16.00 6.32 7.91
CA THR C 6 17.20 5.45 7.70
C THR C 6 18.45 6.31 7.95
N GLY C 7 19.47 5.69 8.55
CA GLY C 7 20.73 6.37 8.90
C GLY C 7 20.51 7.32 10.04
N ALA C 8 19.55 7.02 10.92
CA ALA C 8 19.09 7.90 12.02
C ALA C 8 20.18 8.22 13.04
N ALA C 9 21.20 7.36 13.20
CA ALA C 9 22.29 7.59 14.19
C ALA C 9 23.36 8.54 13.60
N GLY C 10 23.25 8.87 12.32
CA GLY C 10 24.26 9.62 11.56
C GLY C 10 24.21 11.09 11.91
N PHE C 11 25.15 11.81 11.34
CA PHE C 11 25.25 13.30 11.42
C PHE C 11 23.90 13.94 11.08
N ILE C 12 23.44 13.81 9.85
CA ILE C 12 22.20 14.53 9.46
C ILE C 12 20.97 13.85 10.08
N GLY C 13 20.91 12.52 10.02
CA GLY C 13 19.73 11.76 10.49
C GLY C 13 19.44 12.02 11.96
N SER C 14 20.47 12.14 12.81
CA SER C 14 20.31 12.38 14.27
C SER C 14 19.66 13.75 14.49
N HIS C 15 20.12 14.77 13.76
CA HIS C 15 19.50 16.11 13.80
C HIS C 15 18.09 16.06 13.23
N LEU C 16 17.85 15.25 12.21
CA LEU C 16 16.49 15.18 11.61
C LEU C 16 15.50 14.57 12.62
N CYS C 17 15.84 13.44 13.24
CA CYS C 17 14.98 12.79 14.25
C CYS C 17 14.67 13.79 15.35
N GLN C 18 15.66 14.56 15.78
CA GLN C 18 15.51 15.54 16.89
C GLN C 18 14.49 16.62 16.51
N ALA C 19 14.57 17.13 15.28
CA ALA C 19 13.64 18.16 14.75
C ALA C 19 12.24 17.55 14.60
N LEU C 20 12.11 16.37 14.00
CA LEU C 20 10.79 15.74 13.82
C LEU C 20 10.14 15.53 15.19
N LEU C 21 10.91 15.10 16.19
CA LEU C 21 10.35 14.72 17.50
C LEU C 21 9.84 15.95 18.24
N LYS C 22 10.33 17.15 17.92
CA LYS C 22 9.85 18.42 18.52
C LYS C 22 8.34 18.56 18.26
N ASN C 23 7.83 17.96 17.19
CA ASN C 23 6.39 17.98 16.85
C ASN C 23 5.73 16.76 17.52
N SER C 24 4.84 17.00 18.47
CA SER C 24 4.21 15.93 19.27
C SER C 24 3.29 15.06 18.40
N ALA C 25 2.87 15.51 17.23
CA ALA C 25 2.11 14.71 16.25
C ALA C 25 2.98 13.61 15.63
N TYR C 26 4.32 13.74 15.65
CA TYR C 26 5.23 12.83 14.90
C TYR C 26 5.77 11.69 15.77
N HIS C 27 5.61 10.48 15.26
CA HIS C 27 6.24 9.23 15.74
C HIS C 27 7.34 8.88 14.75
N VAL C 28 8.53 8.65 15.26
CA VAL C 28 9.74 8.38 14.44
C VAL C 28 10.26 7.01 14.79
N VAL C 29 10.52 6.23 13.75
CA VAL C 29 11.31 4.98 13.80
C VAL C 29 12.64 5.31 13.12
N GLY C 30 13.75 5.14 13.84
CA GLY C 30 15.11 5.25 13.28
C GLY C 30 15.65 3.88 13.03
N ILE C 31 16.41 3.69 11.97
CA ILE C 31 17.20 2.46 11.76
C ILE C 31 18.61 2.87 11.36
N ASP C 32 19.60 2.20 11.92
CA ASP C 32 21.05 2.47 11.70
C ASP C 32 21.84 1.27 12.19
N HIS C 33 22.78 0.83 11.36
CA HIS C 33 23.67 -0.34 11.56
C HIS C 33 25.06 0.09 12.07
N PHE C 34 25.29 1.39 12.31
CA PHE C 34 26.54 1.99 12.84
C PHE C 34 27.75 1.60 11.98
N ILE C 35 27.69 1.90 10.68
CA ILE C 35 28.82 1.70 9.74
C ILE C 35 29.22 3.04 9.14
N GLY C 36 30.19 3.01 8.23
CA GLY C 36 30.65 4.20 7.52
C GLY C 36 31.78 4.84 8.29
N PRO C 37 32.13 6.11 7.96
CA PRO C 37 33.34 6.75 8.50
C PRO C 37 33.32 7.15 9.98
N THR C 38 32.16 7.38 10.57
CA THR C 38 32.04 7.84 11.97
C THR C 38 32.04 6.62 12.87
N PRO C 39 32.93 6.56 13.90
CA PRO C 39 32.91 5.46 14.89
C PRO C 39 31.59 5.41 15.67
N ALA C 40 31.15 4.20 16.01
CA ALA C 40 29.85 3.87 16.65
C ALA C 40 29.71 4.63 17.97
N THR C 41 30.84 5.01 18.56
CA THR C 41 30.94 5.71 19.88
C THR C 41 30.35 7.11 19.73
N LEU C 42 30.66 7.84 18.64
CA LEU C 42 30.14 9.22 18.40
C LEU C 42 28.62 9.19 18.20
N LYS C 43 28.00 8.03 17.98
CA LYS C 43 26.57 7.92 17.56
C LYS C 43 25.65 7.46 18.70
N THR C 44 26.18 6.63 19.60
CA THR C 44 25.44 5.92 20.68
C THR C 44 24.67 6.95 21.53
N GLY C 45 25.27 8.10 21.81
CA GLY C 45 24.75 9.13 22.74
C GLY C 45 23.54 9.84 22.15
N ASN C 46 23.60 10.18 20.86
CA ASN C 46 22.46 10.76 20.07
C ASN C 46 21.23 9.84 20.17
N ILE C 47 21.41 8.56 19.89
CA ILE C 47 20.31 7.55 19.94
C ILE C 47 19.71 7.48 21.36
N GLN C 48 20.56 7.33 22.40
CA GLN C 48 20.12 7.19 23.82
C GLN C 48 19.31 8.41 24.22
N SER C 49 19.80 9.62 23.87
CA SER C 49 19.07 10.90 24.01
C SER C 49 17.69 10.88 23.29
N LEU C 50 17.61 10.51 22.00
CA LEU C 50 16.31 10.41 21.25
C LEU C 50 15.44 9.32 21.90
N GLU C 51 16.05 8.24 22.39
CA GLU C 51 15.28 7.12 22.99
C GLU C 51 14.57 7.58 24.28
N LEU C 52 14.97 8.70 24.89
CA LEU C 52 14.24 9.27 26.06
C LEU C 52 12.80 9.62 25.66
N ASN C 53 12.57 10.00 24.39
CA ASN C 53 11.23 10.35 23.85
C ASN C 53 10.43 9.08 23.59
N SER C 54 9.18 9.00 24.07
CA SER C 54 8.28 7.81 23.92
C SER C 54 7.82 7.64 22.46
N ARG C 55 7.92 8.71 21.66
CA ARG C 55 7.49 8.73 20.24
C ARG C 55 8.67 8.32 19.34
N PHE C 56 9.84 7.99 19.89
CA PHE C 56 11.01 7.47 19.12
C PHE C 56 11.25 5.99 19.39
N GLN C 57 11.30 5.21 18.30
CA GLN C 57 11.69 3.79 18.26
C GLN C 57 12.99 3.68 17.47
N PHE C 58 13.99 2.97 18.00
CA PHE C 58 15.28 2.74 17.29
C PHE C 58 15.50 1.25 17.00
N ILE C 59 15.97 0.97 15.80
CA ILE C 59 16.34 -0.39 15.37
C ILE C 59 17.81 -0.36 14.95
N ARG C 60 18.64 -1.17 15.63
CA ARG C 60 20.08 -1.29 15.33
C ARG C 60 20.28 -2.49 14.42
N GLU C 61 20.04 -2.33 13.13
CA GLU C 61 20.12 -3.45 12.16
C GLU C 61 20.54 -2.90 10.80
N ASP C 62 21.14 -3.78 10.00
CA ASP C 62 21.41 -3.57 8.57
C ASP C 62 20.06 -3.59 7.85
N ILE C 63 19.76 -2.54 7.07
CA ILE C 63 18.53 -2.44 6.24
C ILE C 63 18.46 -3.70 5.36
N LEU C 64 19.59 -4.22 4.93
CA LEU C 64 19.67 -5.44 4.10
C LEU C 64 19.40 -6.72 4.90
N ASN C 65 19.36 -6.67 6.22
CA ASN C 65 19.32 -7.90 7.07
C ASN C 65 18.17 -7.75 8.07
N THR C 66 17.13 -7.01 7.69
CA THR C 66 15.99 -6.69 8.58
C THR C 66 14.71 -7.06 7.82
N ASP C 67 13.65 -7.30 8.56
CA ASP C 67 12.30 -7.52 8.00
C ASP C 67 11.70 -6.16 7.60
N LEU C 68 11.77 -5.81 6.31
CA LEU C 68 11.37 -4.46 5.82
C LEU C 68 9.83 -4.36 5.77
N SER C 69 9.12 -5.45 5.49
CA SER C 69 7.65 -5.53 5.63
C SER C 69 7.22 -5.05 7.02
N LYS C 70 7.83 -5.60 8.08
CA LYS C 70 7.49 -5.28 9.48
C LYS C 70 7.92 -3.83 9.78
N LEU C 71 9.10 -3.42 9.31
CA LEU C 71 9.63 -2.05 9.46
C LEU C 71 8.65 -1.03 8.85
N LEU C 72 8.10 -1.29 7.65
CA LEU C 72 7.32 -0.31 6.84
C LEU C 72 5.81 -0.45 7.04
N GLN C 73 5.34 -1.43 7.81
CA GLN C 73 3.88 -1.76 7.97
C GLN C 73 3.03 -0.48 7.91
N ASP C 74 3.25 0.40 8.90
CA ASP C 74 2.35 1.51 9.29
C ASP C 74 3.08 2.87 9.13
N ILE C 75 4.07 2.95 8.25
CA ILE C 75 4.87 4.17 7.96
C ILE C 75 4.15 5.02 6.92
N ASP C 76 4.05 6.33 7.16
CA ASP C 76 3.47 7.32 6.23
C ASP C 76 4.57 7.96 5.38
N VAL C 77 5.74 8.18 5.97
CA VAL C 77 6.85 8.90 5.27
C VAL C 77 8.16 8.19 5.58
N VAL C 78 8.96 8.01 4.55
CA VAL C 78 10.35 7.52 4.67
C VAL C 78 11.28 8.68 4.33
N TYR C 79 12.21 8.95 5.23
CA TYR C 79 13.42 9.75 4.93
C TYR C 79 14.56 8.76 4.79
N HIS C 80 15.11 8.68 3.57
CA HIS C 80 16.18 7.71 3.28
C HIS C 80 17.52 8.45 3.28
N LEU C 81 18.24 8.38 4.40
CA LEU C 81 19.58 8.99 4.56
C LEU C 81 20.69 7.94 4.69
N ALA C 82 20.36 6.67 4.90
CA ALA C 82 21.40 5.66 5.13
C ALA C 82 22.27 5.57 3.86
N ALA C 83 23.57 5.68 4.00
CA ALA C 83 24.49 5.63 2.84
C ALA C 83 25.91 5.55 3.40
N ILE C 84 26.87 5.24 2.54
CA ILE C 84 28.32 5.40 2.84
C ILE C 84 28.75 6.63 2.07
N PRO C 85 29.18 7.70 2.77
CA PRO C 85 29.62 8.92 2.10
C PRO C 85 31.14 8.97 1.94
N GLY C 86 31.66 10.13 1.50
CA GLY C 86 33.10 10.40 1.36
C GLY C 86 33.57 10.11 -0.05
N VAL C 87 33.76 11.17 -0.86
CA VAL C 87 34.28 11.10 -2.26
C VAL C 87 35.67 10.43 -2.23
N ARG C 88 36.50 10.84 -1.25
CA ARG C 88 37.98 10.60 -1.16
C ARG C 88 38.34 9.11 -1.07
N THR C 89 37.45 8.27 -0.55
CA THR C 89 37.76 6.88 -0.14
C THR C 89 36.80 5.91 -0.87
N SER C 90 36.46 6.21 -2.14
CA SER C 90 35.48 5.45 -2.96
C SER C 90 36.20 4.76 -4.14
N TRP C 91 37.53 4.82 -4.18
CA TRP C 91 38.37 4.18 -5.23
C TRP C 91 38.84 2.79 -4.78
N GLY C 92 39.31 1.99 -5.75
CA GLY C 92 39.96 0.68 -5.52
C GLY C 92 39.14 -0.26 -4.64
N LYS C 93 39.73 -0.72 -3.54
CA LYS C 93 39.16 -1.82 -2.70
C LYS C 93 38.03 -1.29 -1.81
N ASP C 94 37.92 0.01 -1.60
CA ASP C 94 36.82 0.59 -0.79
C ASP C 94 35.52 0.80 -1.61
N PHE C 95 35.44 0.39 -2.88
CA PHE C 95 34.26 0.71 -3.72
C PHE C 95 33.02 -0.09 -3.26
N GLN C 96 33.22 -1.35 -2.87
CA GLN C 96 32.15 -2.35 -2.59
C GLN C 96 31.12 -1.84 -1.57
N PRO C 97 31.52 -1.30 -0.39
CA PRO C 97 30.54 -0.78 0.55
C PRO C 97 29.66 0.33 -0.07
N TYR C 98 30.19 1.09 -1.02
CA TYR C 98 29.42 2.19 -1.67
C TYR C 98 28.29 1.54 -2.44
N VAL C 99 28.64 0.51 -3.20
CA VAL C 99 27.65 -0.22 -4.01
C VAL C 99 26.65 -0.93 -3.10
N THR C 100 27.09 -1.62 -2.07
CA THR C 100 26.17 -2.35 -1.16
C THR C 100 25.21 -1.35 -0.52
N ASN C 101 25.70 -0.26 0.06
CA ASN C 101 24.86 0.55 0.97
C ASN C 101 24.23 1.74 0.27
N ASN C 102 24.68 2.08 -0.93
CA ASN C 102 24.11 3.24 -1.66
C ASN C 102 23.14 2.71 -2.71
N ILE C 103 23.38 1.51 -3.25
CA ILE C 103 22.59 1.00 -4.40
C ILE C 103 21.69 -0.12 -3.86
N MET C 104 22.25 -1.14 -3.20
CA MET C 104 21.42 -2.30 -2.75
C MET C 104 20.44 -1.84 -1.66
N VAL C 105 20.87 -0.99 -0.74
CA VAL C 105 20.00 -0.50 0.35
C VAL C 105 18.81 0.27 -0.27
N THR C 106 19.10 1.16 -1.23
CA THR C 106 18.08 1.99 -1.90
C THR C 106 17.08 1.06 -2.62
N GLN C 107 17.56 0.10 -3.41
CA GLN C 107 16.69 -0.83 -4.15
C GLN C 107 15.80 -1.61 -3.18
N GLN C 108 16.35 -2.09 -2.07
CA GLN C 108 15.64 -3.02 -1.17
C GLN C 108 14.56 -2.25 -0.42
N LEU C 109 14.84 -1.01 -0.02
CA LEU C 109 13.83 -0.10 0.57
C LEU C 109 12.71 0.22 -0.44
N LEU C 110 13.07 0.62 -1.65
CA LEU C 110 12.06 0.91 -2.68
C LEU C 110 11.21 -0.34 -2.93
N GLU C 111 11.82 -1.53 -3.02
CA GLU C 111 11.09 -2.82 -3.21
C GLU C 111 10.07 -2.98 -2.08
N ALA C 112 10.46 -2.72 -0.83
CA ALA C 112 9.57 -2.86 0.34
C ALA C 112 8.44 -1.82 0.30
N CYS C 113 8.61 -0.72 -0.45
CA CYS C 113 7.63 0.42 -0.48
C CYS C 113 6.72 0.42 -1.70
N LYS C 114 6.99 -0.40 -2.70
CA LYS C 114 6.31 -0.26 -4.02
C LYS C 114 4.79 -0.56 -3.91
N HIS C 115 4.39 -1.41 -2.98
CA HIS C 115 2.98 -1.87 -2.84
C HIS C 115 2.33 -1.25 -1.59
N ILE C 116 3.00 -0.37 -0.82
CA ILE C 116 2.37 0.29 0.35
C ILE C 116 2.06 1.76 -0.01
N LYS C 117 1.03 2.36 0.60
CA LYS C 117 0.57 3.73 0.26
C LYS C 117 1.28 4.79 1.12
N LEU C 118 2.54 5.08 0.84
CA LEU C 118 3.29 6.16 1.54
C LEU C 118 2.73 7.49 1.10
N ASP C 119 2.78 8.52 1.95
CA ASP C 119 2.59 9.94 1.54
C ASP C 119 3.80 10.38 0.73
N LYS C 120 5.00 10.09 1.22
CA LYS C 120 6.25 10.49 0.54
C LYS C 120 7.40 9.52 0.84
N PHE C 121 8.29 9.39 -0.13
CA PHE C 121 9.60 8.74 0.01
C PHE C 121 10.65 9.80 -0.31
N ILE C 122 11.25 10.34 0.75
CA ILE C 122 12.21 11.47 0.64
C ILE C 122 13.64 10.89 0.62
N HIS C 123 14.21 10.84 -0.56
CA HIS C 123 15.54 10.24 -0.84
C HIS C 123 16.58 11.34 -0.81
N ILE C 124 17.57 11.21 0.06
CA ILE C 124 18.62 12.23 0.21
C ILE C 124 19.75 11.86 -0.74
N SER C 125 20.13 12.81 -1.54
CA SER C 125 21.23 12.64 -2.49
C SER C 125 22.21 13.77 -2.21
N THR C 126 23.06 14.05 -3.17
CA THR C 126 24.29 14.83 -2.98
C THR C 126 24.57 15.66 -4.24
N SER C 127 25.14 16.83 -4.02
CA SER C 127 25.75 17.70 -5.05
C SER C 127 26.83 16.93 -5.83
N SER C 128 27.39 15.84 -5.29
CA SER C 128 28.47 15.04 -5.95
C SER C 128 27.98 14.44 -7.28
N VAL C 129 26.70 14.17 -7.46
CA VAL C 129 26.17 13.67 -8.77
C VAL C 129 26.44 14.69 -9.88
N TYR C 130 26.51 15.99 -9.60
CA TYR C 130 26.66 17.06 -10.64
C TYR C 130 28.03 16.99 -11.33
N GLY C 131 29.09 16.64 -10.60
CA GLY C 131 30.49 16.78 -11.03
C GLY C 131 30.90 18.26 -11.18
N GLU C 132 31.79 18.56 -12.12
CA GLU C 132 32.34 19.93 -12.29
C GLU C 132 31.39 20.79 -13.13
N LYS C 133 30.76 21.79 -12.50
CA LYS C 133 29.91 22.81 -13.17
C LYS C 133 30.36 24.20 -12.75
N SER C 134 30.20 25.19 -13.63
CA SER C 134 30.47 26.63 -13.39
C SER C 134 29.17 27.31 -12.97
N GLY C 135 29.20 28.13 -11.93
CA GLY C 135 28.03 28.87 -11.46
C GLY C 135 27.05 27.99 -10.71
N ALA C 136 25.98 28.61 -10.23
CA ALA C 136 24.89 27.98 -9.47
C ALA C 136 24.33 26.85 -10.33
N VAL C 137 24.30 25.61 -9.85
CA VAL C 137 23.74 24.48 -10.64
C VAL C 137 22.25 24.35 -10.34
N SER C 138 21.41 24.31 -11.37
CA SER C 138 19.97 24.03 -11.24
C SER C 138 19.74 22.51 -11.39
N GLU C 139 18.59 22.01 -10.94
CA GLU C 139 18.29 20.56 -10.83
C GLU C 139 18.08 19.94 -12.21
N ASP C 140 17.95 20.75 -13.28
CA ASP C 140 17.71 20.25 -14.67
C ASP C 140 19.05 19.95 -15.34
N LEU C 141 20.19 20.28 -14.73
CA LEU C 141 21.51 20.13 -15.40
C LEU C 141 21.92 18.66 -15.41
N LEU C 142 22.53 18.24 -16.50
CA LEU C 142 22.94 16.83 -16.74
C LEU C 142 23.99 16.47 -15.68
N PRO C 143 23.71 15.51 -14.77
CA PRO C 143 24.71 15.01 -13.84
C PRO C 143 25.87 14.30 -14.54
N ILE C 144 27.10 14.71 -14.26
CA ILE C 144 28.36 14.09 -14.77
C ILE C 144 29.26 13.87 -13.55
N PRO C 145 29.03 12.75 -12.83
CA PRO C 145 29.79 12.44 -11.63
C PRO C 145 31.28 12.29 -11.96
N LEU C 146 32.13 12.71 -11.04
CA LEU C 146 33.61 12.67 -11.21
C LEU C 146 34.21 11.61 -10.29
N SER C 147 33.44 11.02 -9.37
CA SER C 147 33.94 10.02 -8.39
C SER C 147 33.05 8.77 -8.42
N PRO C 148 33.60 7.58 -8.09
CA PRO C 148 32.75 6.41 -7.85
C PRO C 148 31.64 6.62 -6.81
N TYR C 149 31.88 7.36 -5.71
CA TYR C 149 30.83 7.75 -4.74
C TYR C 149 29.68 8.42 -5.51
N GLY C 150 30.01 9.45 -6.29
CA GLY C 150 29.03 10.25 -7.05
C GLY C 150 28.22 9.35 -7.99
N VAL C 151 28.87 8.45 -8.71
CA VAL C 151 28.19 7.44 -9.59
C VAL C 151 27.14 6.63 -8.79
N THR C 152 27.50 6.12 -7.62
CA THR C 152 26.65 5.25 -6.77
C THR C 152 25.45 6.07 -6.30
N LYS C 153 25.61 7.34 -5.93
CA LYS C 153 24.47 8.17 -5.43
C LYS C 153 23.57 8.56 -6.61
N LEU C 154 24.15 8.72 -7.80
CA LEU C 154 23.34 8.99 -9.03
C LEU C 154 22.56 7.73 -9.39
N SER C 155 23.17 6.57 -9.22
CA SER C 155 22.53 5.26 -9.46
C SER C 155 21.34 5.13 -8.50
N GLY C 156 21.49 5.60 -7.26
CA GLY C 156 20.40 5.63 -6.29
C GLY C 156 19.24 6.46 -6.79
N GLU C 157 19.52 7.66 -7.27
CA GLU C 157 18.50 8.58 -7.82
C GLU C 157 17.76 7.87 -8.96
N HIS C 158 18.50 7.22 -9.87
CA HIS C 158 17.91 6.54 -11.04
C HIS C 158 16.94 5.46 -10.55
N LEU C 159 17.31 4.71 -9.50
CA LEU C 159 16.44 3.65 -8.90
C LEU C 159 15.17 4.30 -8.39
N CYS C 160 15.25 5.47 -7.78
CA CYS C 160 14.04 6.21 -7.30
C CYS C 160 13.10 6.46 -8.47
N HIS C 161 13.62 6.92 -9.61
CA HIS C 161 12.80 7.26 -10.81
C HIS C 161 12.17 5.99 -11.37
N VAL C 162 12.92 4.89 -11.42
CA VAL C 162 12.45 3.56 -11.86
C VAL C 162 11.22 3.14 -11.04
N TYR C 163 11.32 3.19 -9.72
CA TYR C 163 10.23 2.74 -8.82
C TYR C 163 9.09 3.77 -8.83
N HIS C 164 9.41 5.04 -8.97
CA HIS C 164 8.37 6.09 -9.13
C HIS C 164 7.56 5.83 -10.42
N LYS C 165 8.24 5.64 -11.54
CA LYS C 165 7.57 5.53 -12.87
C LYS C 165 6.73 4.25 -12.91
N ASN C 166 7.26 3.13 -12.41
CA ASN C 166 6.69 1.77 -12.56
C ASN C 166 5.66 1.48 -11.48
N PHE C 167 5.83 1.98 -10.24
CA PHE C 167 5.04 1.55 -9.07
C PHE C 167 4.42 2.77 -8.39
N HIS C 168 4.66 3.99 -8.88
CA HIS C 168 4.12 5.24 -8.30
C HIS C 168 4.54 5.40 -6.82
N ILE C 169 5.72 4.94 -6.38
CA ILE C 169 6.28 5.39 -5.07
C ILE C 169 6.43 6.91 -5.19
N PRO C 170 5.88 7.69 -4.21
CA PRO C 170 5.86 9.15 -4.26
C PRO C 170 7.21 9.70 -3.79
N ILE C 171 8.18 9.65 -4.70
CA ILE C 171 9.61 9.98 -4.40
C ILE C 171 9.76 11.48 -4.52
N VAL C 172 10.58 11.97 -3.62
CA VAL C 172 11.15 13.35 -3.62
C VAL C 172 12.64 13.13 -3.41
N ILE C 173 13.48 13.74 -4.23
CA ILE C 173 14.96 13.62 -4.09
C ILE C 173 15.48 14.96 -3.60
N LEU C 174 16.20 14.98 -2.48
CA LEU C 174 16.89 16.22 -2.05
C LEU C 174 18.37 16.04 -2.30
N ARG C 175 18.98 17.04 -2.95
CA ARG C 175 20.45 17.03 -3.15
C ARG C 175 21.06 18.04 -2.18
N TYR C 176 21.73 17.52 -1.17
CA TYR C 176 22.44 18.32 -0.15
C TYR C 176 23.80 18.71 -0.73
N PHE C 177 24.24 19.92 -0.37
CA PHE C 177 25.58 20.50 -0.65
C PHE C 177 26.32 20.66 0.68
N THR C 178 27.43 19.93 0.86
CA THR C 178 28.36 19.92 2.02
C THR C 178 27.74 20.48 3.31
N VAL C 179 27.23 19.60 4.16
CA VAL C 179 26.56 20.01 5.41
C VAL C 179 27.61 20.01 6.54
N TYR C 180 27.48 20.97 7.44
CA TYR C 180 28.46 21.16 8.53
C TYR C 180 27.72 21.63 9.77
N GLY C 181 28.41 21.56 10.90
CA GLY C 181 27.90 22.04 12.18
C GLY C 181 28.17 21.01 13.26
N PRO C 182 27.59 21.20 14.48
CA PRO C 182 27.68 20.21 15.54
C PRO C 182 27.33 18.82 14.99
N ARG C 183 28.11 17.81 15.41
CA ARG C 183 28.06 16.36 15.03
C ARG C 183 28.54 16.09 13.60
N GLN C 184 29.03 17.08 12.85
CA GLN C 184 29.66 16.81 11.53
C GLN C 184 30.56 15.58 11.65
N ARG C 185 30.51 14.70 10.64
CA ARG C 185 31.31 13.45 10.58
C ARG C 185 32.81 13.78 10.67
N PRO C 186 33.63 12.98 11.38
CA PRO C 186 35.05 13.27 11.55
C PRO C 186 35.92 13.19 10.29
N ASP C 187 35.41 12.61 9.21
CA ASP C 187 36.13 12.58 7.91
C ASP C 187 35.95 13.92 7.18
N MET C 188 35.05 14.81 7.62
CA MET C 188 34.78 16.05 6.83
C MET C 188 35.76 17.18 7.20
N ALA C 189 35.85 18.18 6.33
CA ALA C 189 36.90 19.26 6.35
C ALA C 189 36.87 20.04 7.65
N PHE C 190 35.74 20.60 8.03
CA PHE C 190 35.67 21.49 9.23
C PHE C 190 36.01 20.67 10.47
N HIS C 191 35.49 19.46 10.60
CA HIS C 191 35.80 18.59 11.76
C HIS C 191 37.31 18.43 11.85
N ARG C 192 37.94 18.08 10.75
CA ARG C 192 39.39 17.77 10.72
C ARG C 192 40.19 19.04 11.00
N LEU C 193 39.87 20.14 10.31
CA LEU C 193 40.60 21.43 10.38
C LEU C 193 40.46 22.00 11.79
N ILE C 194 39.28 21.88 12.37
CA ILE C 194 39.05 22.43 13.74
C ILE C 194 39.83 21.61 14.74
N LYS C 195 39.81 20.28 14.60
CA LYS C 195 40.47 19.34 15.53
C LYS C 195 41.99 19.61 15.52
N GLN C 196 42.55 19.75 14.32
CA GLN C 196 43.96 20.12 14.07
C GLN C 196 44.28 21.48 14.71
N MET C 197 43.51 22.52 14.41
CA MET C 197 43.76 23.86 14.99
C MET C 197 43.78 23.73 16.52
N LEU C 198 42.87 22.98 17.11
CA LEU C 198 42.73 22.91 18.58
C LEU C 198 43.92 22.15 19.19
N GLU C 199 44.53 21.24 18.43
CA GLU C 199 45.61 20.37 18.95
C GLU C 199 46.96 20.91 18.47
N ASP C 200 46.98 22.10 17.86
CA ASP C 200 48.20 22.73 17.28
C ASP C 200 48.94 21.70 16.43
N LYS C 201 48.19 20.92 15.66
CA LYS C 201 48.76 20.08 14.58
C LYS C 201 48.59 20.86 13.27
N PRO C 202 49.42 20.57 12.25
CA PRO C 202 49.25 21.19 10.95
C PRO C 202 47.86 20.92 10.34
N LEU C 203 47.33 21.93 9.66
CA LEU C 203 46.07 21.89 8.89
C LEU C 203 46.29 21.10 7.60
N THR C 204 45.54 20.02 7.40
CA THR C 204 45.64 19.21 6.17
C THR C 204 44.72 19.88 5.15
N ILE C 205 45.30 20.57 4.18
CA ILE C 205 44.58 21.21 3.04
C ILE C 205 44.84 20.37 1.80
N PHE C 206 43.78 19.85 1.18
CA PHE C 206 43.84 18.99 -0.03
C PHE C 206 43.77 19.93 -1.24
N GLY C 207 44.91 20.15 -1.90
CA GLY C 207 45.05 21.11 -3.01
C GLY C 207 45.57 22.44 -2.46
N ASP C 208 45.28 23.54 -3.15
CA ASP C 208 45.74 24.91 -2.77
C ASP C 208 44.77 25.55 -1.77
N GLY C 209 43.65 24.90 -1.47
CA GLY C 209 42.63 25.46 -0.54
C GLY C 209 41.79 26.55 -1.18
N THR C 210 41.90 26.76 -2.50
CA THR C 210 41.06 27.76 -3.24
C THR C 210 39.74 27.12 -3.69
N GLN C 211 39.59 25.80 -3.61
CA GLN C 211 38.30 25.11 -3.92
C GLN C 211 37.22 25.71 -3.01
N THR C 212 36.02 25.85 -3.52
CA THR C 212 34.88 26.46 -2.77
C THR C 212 33.77 25.42 -2.70
N ARG C 213 32.95 25.52 -1.67
CA ARG C 213 31.74 24.69 -1.52
C ARG C 213 30.60 25.62 -1.16
N ASP C 214 29.40 25.13 -1.44
CA ASP C 214 28.16 25.71 -0.91
C ASP C 214 27.90 25.09 0.46
N PHE C 215 28.64 25.52 1.47
CA PHE C 215 28.52 25.00 2.86
C PHE C 215 27.11 25.29 3.43
N THR C 216 26.40 24.24 3.79
CA THR C 216 25.03 24.32 4.36
C THR C 216 25.09 24.01 5.85
N TYR C 217 24.71 24.95 6.69
CA TYR C 217 24.62 24.71 8.15
C TYR C 217 23.53 23.66 8.39
N ILE C 218 23.82 22.71 9.27
CA ILE C 218 22.93 21.54 9.56
C ILE C 218 21.50 22.05 9.86
N ASP C 219 21.32 23.14 10.63
CA ASP C 219 19.97 23.61 11.02
C ASP C 219 19.22 24.08 9.78
N ASP C 220 19.91 24.67 8.80
CA ASP C 220 19.32 25.03 7.48
C ASP C 220 18.97 23.73 6.73
N CYS C 221 19.91 22.80 6.59
CA CYS C 221 19.67 21.50 5.92
C CYS C 221 18.38 20.91 6.47
N ILE C 222 18.23 20.87 7.79
CA ILE C 222 17.10 20.18 8.46
C ILE C 222 15.80 20.95 8.22
N ARG C 223 15.81 22.29 8.26
CA ARG C 223 14.61 23.11 7.97
C ARG C 223 14.13 22.79 6.55
N GLY C 224 15.03 22.74 5.57
CA GLY C 224 14.68 22.38 4.18
C GLY C 224 14.14 20.96 4.12
N THR C 225 14.78 20.03 4.85
CA THR C 225 14.42 18.59 4.83
C THR C 225 13.03 18.41 5.47
N VAL C 226 12.78 19.04 6.61
CA VAL C 226 11.44 19.02 7.26
C VAL C 226 10.42 19.69 6.32
N ALA C 227 10.78 20.76 5.62
CA ALA C 227 9.85 21.48 4.71
C ALA C 227 9.44 20.57 3.55
N ALA C 228 10.30 19.66 3.10
CA ALA C 228 9.93 18.64 2.08
C ALA C 228 8.71 17.84 2.58
N LEU C 229 8.63 17.54 3.86
CA LEU C 229 7.46 16.80 4.41
C LEU C 229 6.25 17.73 4.57
N GLU C 230 6.43 18.93 5.10
CA GLU C 230 5.30 19.79 5.56
C GLU C 230 4.82 20.75 4.47
N THR C 231 5.52 20.89 3.34
CA THR C 231 5.09 21.81 2.27
C THR C 231 3.67 21.42 1.81
N LYS C 232 2.87 22.43 1.50
CA LYS C 232 1.52 22.22 0.92
C LYS C 232 1.64 22.12 -0.60
N LYS C 233 2.78 22.47 -1.20
CA LYS C 233 3.02 22.27 -2.66
C LYS C 233 3.13 20.77 -2.97
N ASN C 234 2.70 20.31 -4.14
CA ASN C 234 2.98 18.93 -4.60
C ASN C 234 4.39 18.92 -5.19
N ILE C 235 5.29 18.16 -4.59
CA ILE C 235 6.72 18.09 -5.01
C ILE C 235 7.07 16.66 -5.39
N ILE C 236 6.09 15.77 -5.50
CA ILE C 236 6.30 14.33 -5.87
C ILE C 236 6.99 14.27 -7.23
N GLY C 237 8.13 13.59 -7.31
CA GLY C 237 8.88 13.41 -8.55
C GLY C 237 9.90 14.50 -8.75
N GLU C 238 9.99 15.45 -7.83
CA GLU C 238 10.95 16.57 -7.97
C GLU C 238 12.31 16.21 -7.37
N VAL C 239 13.35 16.75 -7.99
CA VAL C 239 14.74 16.90 -7.45
C VAL C 239 14.86 18.33 -6.94
N ILE C 240 15.34 18.50 -5.70
CA ILE C 240 15.49 19.83 -5.07
C ILE C 240 16.89 19.93 -4.46
N ASN C 241 17.65 20.92 -4.92
CA ASN C 241 18.90 21.36 -4.28
C ASN C 241 18.59 22.02 -2.95
N ILE C 242 19.31 21.59 -1.91
CA ILE C 242 19.32 22.24 -0.58
C ILE C 242 20.76 22.71 -0.41
N GLY C 243 20.97 24.02 -0.40
CA GLY C 243 22.27 24.71 -0.36
C GLY C 243 22.30 25.68 0.80
N GLY C 244 23.43 26.36 0.99
CA GLY C 244 23.71 27.17 2.19
C GLY C 244 23.68 28.67 1.92
N LYS C 245 23.89 29.45 2.97
CA LYS C 245 23.73 30.93 2.93
C LYS C 245 24.93 31.55 2.19
N GLU C 246 26.12 31.01 2.36
CA GLU C 246 27.38 31.66 1.91
C GLU C 246 28.34 30.58 1.39
N GLN C 247 28.82 30.77 0.17
CA GLN C 247 29.92 29.98 -0.45
C GLN C 247 31.26 30.48 0.09
N ALA C 248 32.23 29.59 0.31
CA ALA C 248 33.57 29.98 0.83
C ALA C 248 34.61 28.99 0.32
N SER C 249 35.86 29.45 0.18
CA SER C 249 37.03 28.59 -0.09
C SER C 249 37.49 27.98 1.24
N ILE C 250 38.28 26.91 1.21
CA ILE C 250 38.92 26.36 2.43
C ILE C 250 39.85 27.40 3.07
N LEU C 251 40.56 28.20 2.27
CA LEU C 251 41.41 29.28 2.85
C LEU C 251 40.53 30.28 3.59
N ASP C 252 39.37 30.66 3.02
CA ASP C 252 38.41 31.59 3.66
C ASP C 252 38.04 30.99 5.03
N ILE C 253 37.69 29.71 5.08
CA ILE C 253 37.15 29.05 6.30
C ILE C 253 38.22 29.07 7.37
N ILE C 254 39.47 28.83 6.99
CA ILE C 254 40.60 28.75 7.98
C ILE C 254 40.84 30.14 8.59
N SER C 255 40.78 31.21 7.78
CA SER C 255 40.79 32.63 8.23
C SER C 255 39.65 32.91 9.22
N MET C 256 38.44 32.40 8.98
CA MET C 256 37.30 32.58 9.91
C MET C 256 37.53 31.79 11.21
N LEU C 257 38.11 30.59 11.13
CA LEU C 257 38.39 29.73 12.32
C LEU C 257 39.46 30.41 13.18
N GLU C 258 40.50 30.97 12.56
CA GLU C 258 41.61 31.69 13.24
C GLU C 258 41.05 32.96 13.90
N LYS C 259 40.10 33.62 13.26
CA LYS C 259 39.45 34.83 13.81
C LYS C 259 38.68 34.49 15.09
N ILE C 260 38.20 33.24 15.22
CA ILE C 260 37.40 32.75 16.38
C ILE C 260 38.36 32.34 17.51
N SER C 261 39.43 31.63 17.17
CA SER C 261 40.31 30.94 18.15
C SER C 261 41.40 31.90 18.63
N GLY C 262 41.77 32.84 17.76
CA GLY C 262 42.95 33.71 17.89
C GLY C 262 44.25 32.99 17.56
N LYS C 263 44.19 31.73 17.11
CA LYS C 263 45.39 30.88 16.85
C LYS C 263 45.93 31.15 15.45
N SER C 264 47.21 30.87 15.22
CA SER C 264 47.83 30.89 13.87
C SER C 264 48.30 29.47 13.56
N ALA C 265 47.71 28.83 12.57
CA ALA C 265 47.93 27.39 12.31
C ALA C 265 48.96 27.23 11.17
N THR C 266 49.83 26.23 11.31
CA THR C 266 50.64 25.69 10.19
C THR C 266 49.67 25.07 9.18
N LYS C 267 49.68 25.59 7.97
CA LYS C 267 48.98 25.06 6.79
C LYS C 267 49.89 24.03 6.11
N ASN C 268 49.47 22.77 5.99
CA ASN C 268 50.12 21.78 5.10
C ASN C 268 49.28 21.70 3.83
N PHE C 269 49.84 22.12 2.70
CA PHE C 269 49.17 21.96 1.38
C PHE C 269 49.53 20.57 0.82
N LEU C 270 48.56 19.65 0.82
CA LEU C 270 48.73 18.26 0.35
C LEU C 270 48.17 18.14 -1.07
N LYS C 271 48.48 17.04 -1.74
CA LYS C 271 47.96 16.69 -3.08
C LYS C 271 46.43 16.77 -3.07
N SER C 272 45.81 17.28 -4.13
CA SER C 272 44.33 17.33 -4.24
C SER C 272 43.81 15.91 -4.48
N VAL C 273 42.55 15.67 -4.13
CA VAL C 273 41.90 14.34 -4.17
C VAL C 273 41.35 14.17 -5.58
N PRO C 274 41.66 13.07 -6.31
CA PRO C 274 41.03 12.84 -7.61
C PRO C 274 39.50 12.72 -7.43
N GLY C 275 38.75 13.34 -8.35
CA GLY C 275 37.29 13.20 -8.48
C GLY C 275 36.51 14.19 -7.62
N GLU C 276 37.17 15.20 -7.05
CA GLU C 276 36.52 16.34 -6.37
C GLU C 276 36.44 17.48 -7.37
N PRO C 277 35.32 18.24 -7.41
CA PRO C 277 35.25 19.43 -8.24
C PRO C 277 35.94 20.61 -7.52
N LYS C 278 36.30 21.65 -8.27
CA LYS C 278 36.89 22.93 -7.76
C LYS C 278 35.81 23.70 -7.01
N GLN C 279 34.57 23.57 -7.48
CA GLN C 279 33.46 24.43 -7.07
C GLN C 279 32.15 23.64 -7.01
N THR C 280 31.44 23.77 -5.89
CA THR C 280 29.98 23.47 -5.78
C THR C 280 29.27 24.79 -5.43
N TRP C 281 28.13 25.02 -6.05
CA TRP C 281 27.26 26.20 -5.87
C TRP C 281 25.84 25.81 -6.28
N ALA C 282 24.91 25.76 -5.32
CA ALA C 282 23.50 25.39 -5.56
C ALA C 282 22.74 26.63 -6.05
N ASP C 283 21.96 26.46 -7.09
CA ASP C 283 20.80 27.32 -7.35
C ASP C 283 19.67 26.78 -6.46
N ILE C 284 19.22 27.55 -5.46
CA ILE C 284 18.11 27.14 -4.54
C ILE C 284 16.78 27.86 -4.85
N SER C 285 16.57 28.40 -6.07
CA SER C 285 15.27 28.97 -6.53
C SER C 285 14.16 27.95 -6.30
N LYS C 286 14.38 26.71 -6.73
CA LYS C 286 13.36 25.65 -6.69
C LYS C 286 12.97 25.37 -5.23
N ALA C 287 13.95 25.23 -4.33
CA ALA C 287 13.72 25.00 -2.87
C ALA C 287 12.94 26.19 -2.31
N SER C 288 13.28 27.42 -2.72
CA SER C 288 12.57 28.68 -2.36
C SER C 288 11.09 28.61 -2.76
N THR C 289 10.83 28.24 -4.01
CA THR C 289 9.47 28.18 -4.60
C THR C 289 8.69 27.03 -3.95
N LEU C 290 9.25 25.81 -3.95
CA LEU C 290 8.49 24.59 -3.53
C LEU C 290 8.47 24.45 -2.00
N LEU C 291 9.54 24.81 -1.29
CA LEU C 291 9.64 24.52 0.16
C LEU C 291 9.61 25.79 1.01
N GLN C 292 9.61 26.98 0.41
CA GLN C 292 9.79 28.26 1.13
C GLN C 292 11.12 28.20 1.88
N TYR C 293 12.16 27.71 1.21
CA TYR C 293 13.47 27.43 1.86
C TYR C 293 14.37 28.63 1.70
N SER C 294 14.90 29.09 2.81
CA SER C 294 15.90 30.18 2.87
C SER C 294 16.94 29.83 3.92
N PRO C 295 18.21 29.59 3.56
CA PRO C 295 19.24 29.38 4.58
C PRO C 295 19.48 30.69 5.36
N THR C 296 19.44 30.65 6.69
CA THR C 296 19.60 31.82 7.58
C THR C 296 20.94 31.82 8.33
N VAL C 297 21.62 30.68 8.54
CA VAL C 297 22.84 30.66 9.41
C VAL C 297 24.07 31.06 8.60
N SER C 298 24.76 32.09 9.07
CA SER C 298 26.03 32.60 8.48
C SER C 298 27.17 31.64 8.81
N LEU C 299 28.23 31.68 8.02
CA LEU C 299 29.39 30.78 8.22
C LEU C 299 30.02 31.06 9.59
N SER C 300 30.22 32.32 9.96
CA SER C 300 30.89 32.63 11.25
C SER C 300 30.09 32.02 12.42
N ASP C 301 28.76 32.09 12.37
CA ASP C 301 27.90 31.53 13.46
C ASP C 301 27.95 30.00 13.40
N GLY C 302 27.78 29.41 12.22
CA GLY C 302 27.81 27.95 12.06
C GLY C 302 29.17 27.39 12.46
N LEU C 303 30.24 28.00 11.96
CA LEU C 303 31.63 27.58 12.26
C LEU C 303 31.89 27.67 13.75
N GLU C 304 31.40 28.73 14.40
CA GLU C 304 31.62 28.82 15.85
C GLU C 304 30.85 27.68 16.53
N ALA C 305 29.64 27.37 16.05
CA ALA C 305 28.82 26.29 16.66
C ALA C 305 29.62 24.99 16.55
N GLU C 306 30.16 24.68 15.37
CA GLU C 306 30.96 23.45 15.17
C GLU C 306 32.22 23.52 16.02
N TYR C 307 32.84 24.69 16.12
CA TYR C 307 34.08 24.92 16.91
C TYR C 307 33.82 24.50 18.37
N ASP C 308 32.72 24.98 18.96
CA ASP C 308 32.39 24.63 20.37
C ASP C 308 32.13 23.13 20.45
N TYR C 309 31.48 22.53 19.47
CA TYR C 309 31.16 21.08 19.50
C TYR C 309 32.47 20.27 19.45
N ILE C 310 33.34 20.59 18.50
CA ILE C 310 34.65 19.90 18.37
C ILE C 310 35.43 20.09 19.68
N LYS C 311 35.54 21.32 20.21
CA LYS C 311 36.30 21.55 21.47
C LYS C 311 35.72 20.63 22.55
N GLN C 312 34.40 20.60 22.72
CA GLN C 312 33.70 19.75 23.74
C GLN C 312 34.01 18.26 23.51
N LEU C 313 33.97 17.82 22.24
CA LEU C 313 34.07 16.40 21.86
C LEU C 313 35.41 15.85 22.34
N TYR C 314 36.52 16.55 22.09
CA TYR C 314 37.91 16.07 22.34
C TYR C 314 38.47 16.61 23.69
N LYS C 315 37.82 17.59 24.33
CA LYS C 315 38.19 18.25 25.63
C LYS C 315 38.94 17.30 26.55
N MET D 1 47.67 -8.47 -32.93
CA MET D 1 47.34 -7.77 -31.64
C MET D 1 46.53 -8.71 -30.76
N LYS D 2 46.58 -8.49 -29.44
CA LYS D 2 45.95 -9.34 -28.41
C LYS D 2 44.70 -8.65 -27.82
N ILE D 3 43.56 -9.35 -27.83
CA ILE D 3 42.22 -8.80 -27.47
C ILE D 3 41.61 -9.65 -26.35
N LEU D 4 41.28 -9.02 -25.22
CA LEU D 4 40.54 -9.61 -24.10
C LEU D 4 39.06 -9.40 -24.35
N VAL D 5 38.28 -10.48 -24.44
CA VAL D 5 36.80 -10.43 -24.52
C VAL D 5 36.25 -10.98 -23.21
N THR D 6 35.69 -10.12 -22.34
CA THR D 6 34.95 -10.59 -21.15
C THR D 6 33.55 -11.03 -21.56
N GLY D 7 33.04 -12.08 -20.92
CA GLY D 7 31.74 -12.70 -21.25
C GLY D 7 31.85 -13.49 -22.55
N ALA D 8 33.03 -13.99 -22.87
CA ALA D 8 33.38 -14.61 -24.18
C ALA D 8 32.54 -15.87 -24.46
N ALA D 9 31.92 -16.52 -23.48
CA ALA D 9 31.13 -17.75 -23.73
C ALA D 9 29.65 -17.44 -23.92
N GLY D 10 29.23 -16.19 -23.74
CA GLY D 10 27.80 -15.86 -23.84
C GLY D 10 27.37 -15.71 -25.28
N PHE D 11 26.14 -15.28 -25.49
CA PHE D 11 25.50 -15.09 -26.82
C PHE D 11 26.39 -14.22 -27.70
N ILE D 12 26.61 -12.95 -27.34
CA ILE D 12 27.30 -11.97 -28.23
C ILE D 12 28.81 -12.24 -28.20
N GLY D 13 29.40 -12.37 -27.00
CA GLY D 13 30.84 -12.65 -26.81
C GLY D 13 31.36 -13.78 -27.68
N SER D 14 30.67 -14.92 -27.70
CA SER D 14 31.07 -16.17 -28.41
C SER D 14 31.14 -15.88 -29.92
N HIS D 15 30.18 -15.16 -30.50
CA HIS D 15 30.22 -14.66 -31.91
C HIS D 15 31.34 -13.63 -32.13
N LEU D 16 31.60 -12.77 -31.15
CA LEU D 16 32.66 -11.72 -31.31
C LEU D 16 34.02 -12.41 -31.43
N CYS D 17 34.34 -13.32 -30.51
CA CYS D 17 35.60 -14.09 -30.52
C CYS D 17 35.75 -14.78 -31.89
N GLN D 18 34.72 -15.45 -32.38
CA GLN D 18 34.76 -16.17 -33.67
C GLN D 18 35.07 -15.17 -34.78
N ALA D 19 34.37 -14.05 -34.84
CA ALA D 19 34.59 -13.03 -35.90
C ALA D 19 36.04 -12.49 -35.79
N LEU D 20 36.57 -12.26 -34.57
CA LEU D 20 37.94 -11.68 -34.36
C LEU D 20 39.02 -12.68 -34.84
N LEU D 21 38.86 -13.97 -34.53
CA LEU D 21 39.85 -15.00 -34.90
C LEU D 21 39.85 -15.28 -36.41
N LYS D 22 38.90 -14.74 -37.18
CA LYS D 22 38.92 -14.82 -38.67
C LYS D 22 40.16 -14.10 -39.20
N ASN D 23 40.54 -12.96 -38.59
CA ASN D 23 41.82 -12.24 -38.84
C ASN D 23 42.96 -13.08 -38.22
N SER D 24 43.91 -13.51 -39.07
CA SER D 24 44.95 -14.52 -38.74
C SER D 24 45.94 -13.94 -37.75
N ALA D 25 46.12 -12.61 -37.73
CA ALA D 25 47.05 -11.89 -36.83
C ALA D 25 46.42 -11.50 -35.47
N TYR D 26 45.13 -11.78 -35.22
CA TYR D 26 44.51 -11.46 -33.90
C TYR D 26 44.64 -12.67 -32.98
N HIS D 27 44.95 -12.37 -31.72
CA HIS D 27 45.04 -13.33 -30.60
C HIS D 27 43.98 -12.91 -29.58
N VAL D 28 43.12 -13.85 -29.22
CA VAL D 28 41.93 -13.55 -28.35
C VAL D 28 42.07 -14.35 -27.06
N VAL D 29 41.88 -13.66 -25.93
CA VAL D 29 41.81 -14.20 -24.56
C VAL D 29 40.36 -13.97 -24.15
N GLY D 30 39.59 -15.03 -23.90
CA GLY D 30 38.20 -14.91 -23.42
C GLY D 30 38.13 -15.18 -21.95
N ILE D 31 37.27 -14.49 -21.22
CA ILE D 31 37.03 -14.83 -19.80
C ILE D 31 35.52 -14.90 -19.60
N ASP D 32 35.06 -15.96 -18.94
CA ASP D 32 33.61 -16.20 -18.67
C ASP D 32 33.50 -17.12 -17.46
N HIS D 33 32.63 -16.78 -16.52
CA HIS D 33 32.39 -17.52 -15.26
C HIS D 33 31.15 -18.43 -15.37
N PHE D 34 30.48 -18.49 -16.52
CA PHE D 34 29.29 -19.36 -16.77
C PHE D 34 28.21 -19.09 -15.73
N ILE D 35 27.82 -17.82 -15.62
CA ILE D 35 26.67 -17.37 -14.77
C ILE D 35 25.68 -16.63 -15.67
N GLY D 36 24.62 -16.12 -15.04
CA GLY D 36 23.60 -15.33 -15.70
C GLY D 36 22.50 -16.23 -16.23
N PRO D 37 21.61 -15.70 -17.10
CA PRO D 37 20.38 -16.40 -17.47
C PRO D 37 20.58 -17.71 -18.25
N THR D 38 21.61 -17.83 -19.10
CA THR D 38 21.82 -19.03 -19.94
C THR D 38 22.47 -20.13 -19.09
N PRO D 39 21.84 -21.32 -18.95
CA PRO D 39 22.48 -22.43 -18.25
C PRO D 39 23.83 -22.79 -18.87
N ALA D 40 24.80 -23.17 -18.03
CA ALA D 40 26.21 -23.45 -18.39
C ALA D 40 26.29 -24.55 -19.45
N THR D 41 25.45 -25.58 -19.31
CA THR D 41 25.12 -26.60 -20.34
C THR D 41 25.21 -26.01 -21.75
N LEU D 42 24.21 -25.18 -22.11
CA LEU D 42 23.98 -24.60 -23.47
C LEU D 42 25.16 -23.72 -23.84
N LYS D 43 25.78 -23.07 -22.86
CA LYS D 43 26.80 -22.02 -23.10
C LYS D 43 28.09 -22.69 -23.57
N THR D 44 28.31 -23.91 -23.12
CA THR D 44 29.52 -24.69 -23.47
C THR D 44 29.51 -24.91 -25.00
N GLY D 45 28.33 -25.06 -25.59
CA GLY D 45 28.14 -25.16 -27.05
C GLY D 45 28.55 -23.90 -27.79
N ASN D 46 28.53 -22.73 -27.15
CA ASN D 46 28.81 -21.44 -27.83
C ASN D 46 30.28 -21.36 -28.22
N ILE D 47 31.16 -22.02 -27.46
CA ILE D 47 32.65 -21.88 -27.61
C ILE D 47 33.27 -23.19 -28.10
N GLN D 48 32.47 -24.19 -28.48
CA GLN D 48 33.00 -25.51 -28.91
C GLN D 48 34.07 -25.27 -29.98
N SER D 49 33.70 -24.57 -31.04
CA SER D 49 34.55 -24.18 -32.20
C SER D 49 35.80 -23.41 -31.72
N LEU D 50 35.64 -22.42 -30.83
CA LEU D 50 36.71 -21.48 -30.40
C LEU D 50 37.88 -22.21 -29.74
N GLU D 51 37.58 -23.10 -28.79
CA GLU D 51 38.58 -23.84 -27.97
C GLU D 51 39.59 -24.57 -28.88
N LEU D 52 39.17 -24.96 -30.10
CA LEU D 52 40.05 -25.57 -31.15
C LEU D 52 41.06 -24.55 -31.72
N ASN D 53 40.73 -23.26 -31.77
CA ASN D 53 41.64 -22.22 -32.33
C ASN D 53 42.81 -22.04 -31.37
N SER D 54 44.03 -22.22 -31.87
CA SER D 54 45.28 -22.11 -31.07
C SER D 54 45.57 -20.64 -30.73
N ARG D 55 44.92 -19.68 -31.40
CA ARG D 55 45.07 -18.22 -31.08
C ARG D 55 44.00 -17.77 -30.07
N PHE D 56 43.20 -18.71 -29.55
CA PHE D 56 42.17 -18.43 -28.51
C PHE D 56 42.58 -19.08 -27.20
N GLN D 57 42.82 -18.27 -26.17
CA GLN D 57 42.92 -18.75 -24.77
C GLN D 57 41.60 -18.46 -24.05
N PHE D 58 41.05 -19.47 -23.38
CA PHE D 58 39.82 -19.35 -22.55
C PHE D 58 40.18 -19.50 -21.07
N ILE D 59 39.74 -18.55 -20.24
CA ILE D 59 39.86 -18.56 -18.76
C ILE D 59 38.44 -18.66 -18.19
N ARG D 60 38.18 -19.71 -17.41
CA ARG D 60 36.84 -20.04 -16.86
C ARG D 60 36.85 -19.59 -15.40
N GLU D 61 36.76 -18.28 -15.19
CA GLU D 61 36.87 -17.66 -13.85
C GLU D 61 36.00 -16.40 -13.80
N ASP D 62 35.62 -16.00 -12.59
CA ASP D 62 34.94 -14.73 -12.24
C ASP D 62 35.96 -13.60 -12.32
N ILE D 63 35.67 -12.55 -13.09
CA ILE D 63 36.52 -11.34 -13.20
C ILE D 63 36.82 -10.78 -11.79
N LEU D 64 35.93 -10.98 -10.83
CA LEU D 64 36.12 -10.45 -9.45
C LEU D 64 37.01 -11.40 -8.64
N ASN D 65 37.31 -12.59 -9.15
CA ASN D 65 38.04 -13.64 -8.39
C ASN D 65 39.19 -14.13 -9.29
N THR D 66 39.88 -13.21 -9.97
CA THR D 66 40.99 -13.54 -10.91
C THR D 66 42.06 -12.47 -10.75
N ASP D 67 43.33 -12.81 -11.00
CA ASP D 67 44.43 -11.80 -11.02
C ASP D 67 44.38 -11.12 -12.39
N LEU D 68 43.84 -9.89 -12.40
CA LEU D 68 43.54 -9.06 -13.60
C LEU D 68 44.87 -8.51 -14.17
N SER D 69 45.84 -8.25 -13.32
CA SER D 69 47.23 -7.90 -13.71
C SER D 69 47.75 -8.99 -14.68
N LYS D 70 47.61 -10.27 -14.30
CA LYS D 70 48.01 -11.45 -15.13
C LYS D 70 47.16 -11.46 -16.40
N LEU D 71 45.84 -11.31 -16.24
CA LEU D 71 44.88 -11.34 -17.36
C LEU D 71 45.22 -10.26 -18.41
N LEU D 72 45.72 -9.08 -18.01
CA LEU D 72 45.83 -7.91 -18.93
C LEU D 72 47.26 -7.75 -19.47
N GLN D 73 48.11 -8.76 -19.27
CA GLN D 73 49.50 -8.80 -19.81
C GLN D 73 49.46 -8.85 -21.33
N ASP D 74 50.00 -7.84 -21.98
CA ASP D 74 50.13 -7.73 -23.46
C ASP D 74 48.75 -7.58 -24.10
N ILE D 75 47.72 -7.19 -23.37
CA ILE D 75 46.40 -6.89 -23.98
C ILE D 75 46.46 -5.49 -24.60
N ASP D 76 46.10 -5.38 -25.85
CA ASP D 76 45.99 -4.11 -26.61
C ASP D 76 44.58 -3.54 -26.51
N VAL D 77 43.56 -4.40 -26.64
CA VAL D 77 42.14 -3.97 -26.66
C VAL D 77 41.34 -4.87 -25.72
N VAL D 78 40.50 -4.27 -24.88
CA VAL D 78 39.50 -5.01 -24.09
C VAL D 78 38.13 -4.77 -24.72
N TYR D 79 37.39 -5.85 -24.92
CA TYR D 79 35.94 -5.81 -25.17
C TYR D 79 35.26 -6.26 -23.89
N HIS D 80 34.52 -5.37 -23.23
CA HIS D 80 33.85 -5.70 -21.94
C HIS D 80 32.36 -6.00 -22.17
N LEU D 81 32.03 -7.29 -22.30
CA LEU D 81 30.66 -7.79 -22.55
C LEU D 81 30.10 -8.51 -21.33
N ALA D 82 30.93 -8.90 -20.35
CA ALA D 82 30.49 -9.66 -19.17
C ALA D 82 29.48 -8.77 -18.43
N ALA D 83 28.35 -9.37 -18.02
CA ALA D 83 27.24 -8.68 -17.36
C ALA D 83 26.16 -9.71 -17.06
N ILE D 84 25.18 -9.32 -16.26
CA ILE D 84 23.88 -10.02 -16.10
C ILE D 84 22.85 -9.20 -16.90
N PRO D 85 22.34 -9.72 -18.02
CA PRO D 85 21.35 -8.99 -18.82
C PRO D 85 19.96 -9.39 -18.35
N GLY D 86 18.93 -8.78 -18.90
CA GLY D 86 17.54 -9.20 -18.61
C GLY D 86 16.83 -8.13 -17.84
N VAL D 87 16.00 -7.35 -18.53
CA VAL D 87 15.15 -6.29 -17.93
C VAL D 87 14.21 -6.98 -16.94
N ARG D 88 13.51 -8.02 -17.42
CA ARG D 88 12.25 -8.50 -16.82
C ARG D 88 12.54 -9.19 -15.48
N THR D 89 13.77 -9.65 -15.27
CA THR D 89 14.18 -10.45 -14.09
C THR D 89 15.20 -9.66 -13.27
N SER D 90 15.16 -8.32 -13.25
CA SER D 90 16.11 -7.43 -12.54
C SER D 90 15.46 -6.82 -11.30
N TRP D 91 14.26 -7.28 -10.94
CA TRP D 91 13.45 -6.75 -9.81
C TRP D 91 13.70 -7.58 -8.56
N GLY D 92 13.38 -7.04 -7.38
CA GLY D 92 13.32 -7.80 -6.12
C GLY D 92 14.65 -8.46 -5.79
N LYS D 93 14.62 -9.73 -5.39
CA LYS D 93 15.82 -10.48 -4.92
C LYS D 93 16.72 -10.85 -6.09
N ASP D 94 16.31 -10.60 -7.35
CA ASP D 94 17.12 -10.92 -8.55
C ASP D 94 18.12 -9.78 -8.84
N PHE D 95 18.04 -8.65 -8.10
CA PHE D 95 18.77 -7.41 -8.44
C PHE D 95 20.26 -7.54 -8.12
N GLN D 96 20.60 -8.21 -7.01
CA GLN D 96 21.99 -8.21 -6.45
C GLN D 96 23.01 -8.68 -7.50
N PRO D 97 22.83 -9.82 -8.21
CA PRO D 97 23.76 -10.21 -9.28
C PRO D 97 24.00 -9.10 -10.33
N TYR D 98 23.03 -8.22 -10.60
CA TYR D 98 23.16 -7.13 -11.61
C TYR D 98 24.11 -6.06 -11.10
N VAL D 99 24.02 -5.76 -9.81
CA VAL D 99 24.95 -4.79 -9.18
C VAL D 99 26.37 -5.34 -9.14
N THR D 100 26.54 -6.58 -8.65
CA THR D 100 27.83 -7.31 -8.61
C THR D 100 28.44 -7.35 -10.01
N ASN D 101 27.74 -7.89 -10.99
CA ASN D 101 28.36 -8.24 -12.29
C ASN D 101 28.29 -7.08 -13.29
N ASN D 102 27.45 -6.04 -13.08
CA ASN D 102 27.37 -4.89 -14.00
C ASN D 102 28.11 -3.69 -13.41
N ILE D 103 28.24 -3.55 -12.09
CA ILE D 103 28.87 -2.32 -11.52
C ILE D 103 30.24 -2.69 -10.94
N MET D 104 30.28 -3.62 -9.97
CA MET D 104 31.54 -4.03 -9.29
C MET D 104 32.53 -4.54 -10.35
N VAL D 105 32.09 -5.40 -11.25
CA VAL D 105 32.94 -6.00 -12.32
C VAL D 105 33.49 -4.89 -13.19
N THR D 106 32.67 -3.92 -13.59
CA THR D 106 33.12 -2.80 -14.45
C THR D 106 34.20 -2.01 -13.69
N GLN D 107 33.93 -1.67 -12.44
CA GLN D 107 34.84 -0.82 -11.62
C GLN D 107 36.18 -1.55 -11.45
N GLN D 108 36.15 -2.85 -11.08
CA GLN D 108 37.36 -3.67 -10.80
C GLN D 108 38.19 -3.81 -12.09
N LEU D 109 37.55 -4.00 -13.26
CA LEU D 109 38.25 -4.02 -14.57
C LEU D 109 38.87 -2.66 -14.86
N LEU D 110 38.12 -1.57 -14.63
CA LEU D 110 38.65 -0.23 -14.97
C LEU D 110 39.87 0.08 -14.06
N GLU D 111 39.83 -0.33 -12.79
CA GLU D 111 40.95 -0.20 -11.82
C GLU D 111 42.18 -0.93 -12.37
N ALA D 112 42.07 -2.21 -12.72
CA ALA D 112 43.17 -3.03 -13.30
C ALA D 112 43.69 -2.43 -14.62
N CYS D 113 42.90 -1.64 -15.34
CA CYS D 113 43.30 -1.08 -16.66
C CYS D 113 44.02 0.26 -16.45
N LYS D 114 43.97 0.81 -15.24
CA LYS D 114 44.45 2.17 -14.90
C LYS D 114 45.88 2.40 -15.40
N HIS D 115 46.81 1.46 -15.20
CA HIS D 115 48.24 1.75 -15.44
C HIS D 115 48.82 0.98 -16.63
N ILE D 116 48.07 0.08 -17.26
CA ILE D 116 48.47 -0.53 -18.57
C ILE D 116 48.10 0.47 -19.66
N LYS D 117 48.51 0.24 -20.91
CA LYS D 117 48.55 1.30 -21.96
C LYS D 117 47.67 0.90 -23.16
N LEU D 118 46.39 0.61 -22.91
CA LEU D 118 45.46 0.02 -23.91
C LEU D 118 45.33 0.95 -25.12
N ASP D 119 45.14 0.37 -26.30
CA ASP D 119 44.62 1.10 -27.49
C ASP D 119 43.16 1.48 -27.18
N LYS D 120 42.34 0.53 -26.71
CA LYS D 120 40.90 0.78 -26.47
C LYS D 120 40.35 -0.13 -25.39
N PHE D 121 39.51 0.42 -24.52
CA PHE D 121 38.56 -0.31 -23.66
C PHE D 121 37.16 -0.10 -24.27
N ILE D 122 36.64 -1.12 -24.95
CA ILE D 122 35.34 -1.04 -25.66
C ILE D 122 34.25 -1.62 -24.75
N HIS D 123 33.48 -0.75 -24.09
CA HIS D 123 32.49 -1.13 -23.06
C HIS D 123 31.14 -1.35 -23.74
N ILE D 124 30.54 -2.52 -23.53
CA ILE D 124 29.27 -2.85 -24.21
C ILE D 124 28.17 -2.51 -23.21
N SER D 125 27.32 -1.55 -23.60
CA SER D 125 26.15 -1.10 -22.84
C SER D 125 24.90 -1.44 -23.66
N THR D 126 23.77 -0.84 -23.29
CA THR D 126 22.43 -1.30 -23.71
C THR D 126 21.57 -0.08 -24.06
N SER D 127 20.66 -0.26 -25.01
CA SER D 127 19.52 0.66 -25.30
C SER D 127 18.64 0.81 -24.05
N SER D 128 18.72 -0.09 -23.07
CA SER D 128 17.90 -0.03 -21.83
C SER D 128 18.25 1.21 -20.99
N VAL D 129 19.41 1.85 -21.17
CA VAL D 129 19.79 3.07 -20.42
C VAL D 129 18.87 4.24 -20.84
N TYR D 130 18.32 4.25 -22.06
CA TYR D 130 17.53 5.36 -22.64
C TYR D 130 16.13 5.44 -21.99
N GLY D 131 15.48 4.30 -21.80
CA GLY D 131 14.07 4.22 -21.39
C GLY D 131 13.15 4.50 -22.56
N GLU D 132 12.08 5.23 -22.33
CA GLU D 132 10.97 5.41 -23.30
C GLU D 132 11.18 6.74 -24.00
N LYS D 133 11.48 6.74 -25.29
CA LYS D 133 11.64 7.99 -26.08
C LYS D 133 10.77 7.85 -27.33
N SER D 134 10.33 8.96 -27.90
CA SER D 134 9.63 9.01 -29.21
C SER D 134 10.68 9.21 -30.32
N GLY D 135 10.58 8.42 -31.37
CA GLY D 135 11.48 8.54 -32.53
C GLY D 135 12.83 7.91 -32.25
N ALA D 136 13.70 7.99 -33.23
CA ALA D 136 15.04 7.36 -33.24
C ALA D 136 15.83 8.03 -32.13
N VAL D 137 16.45 7.25 -31.25
CA VAL D 137 17.21 7.86 -30.12
C VAL D 137 18.66 8.06 -30.56
N SER D 138 19.13 9.31 -30.54
CA SER D 138 20.55 9.67 -30.71
C SER D 138 21.28 9.54 -29.36
N GLU D 139 22.59 9.44 -29.45
CA GLU D 139 23.49 9.12 -28.32
C GLU D 139 23.56 10.29 -27.33
N ASP D 140 23.12 11.50 -27.69
CA ASP D 140 23.20 12.63 -26.73
C ASP D 140 21.84 12.81 -26.00
N LEU D 141 20.81 12.02 -26.26
CA LEU D 141 19.57 12.10 -25.45
C LEU D 141 19.87 11.71 -23.99
N LEU D 142 19.30 12.43 -23.04
CA LEU D 142 19.38 12.13 -21.59
C LEU D 142 18.90 10.69 -21.36
N PRO D 143 19.78 9.78 -20.84
CA PRO D 143 19.33 8.47 -20.33
C PRO D 143 18.40 8.56 -19.11
N ILE D 144 17.26 7.86 -19.17
CA ILE D 144 16.21 7.77 -18.12
C ILE D 144 15.79 6.30 -18.05
N PRO D 145 16.61 5.39 -17.48
CA PRO D 145 16.30 3.97 -17.50
C PRO D 145 14.96 3.71 -16.80
N LEU D 146 14.25 2.69 -17.28
CA LEU D 146 12.92 2.27 -16.77
C LEU D 146 13.04 1.04 -15.87
N SER D 147 14.17 0.34 -15.88
CA SER D 147 14.39 -0.95 -15.17
C SER D 147 15.65 -0.90 -14.31
N PRO D 148 15.71 -1.70 -13.22
CA PRO D 148 16.93 -1.79 -12.43
C PRO D 148 18.10 -2.27 -13.31
N TYR D 149 17.86 -3.10 -14.31
CA TYR D 149 18.91 -3.54 -15.27
C TYR D 149 19.51 -2.31 -15.96
N GLY D 150 18.64 -1.48 -16.53
CA GLY D 150 19.06 -0.27 -17.24
C GLY D 150 19.89 0.65 -16.33
N VAL D 151 19.47 0.79 -15.08
CA VAL D 151 20.22 1.62 -14.09
C VAL D 151 21.65 1.05 -13.90
N THR D 152 21.79 -0.27 -13.71
CA THR D 152 23.12 -0.90 -13.45
C THR D 152 24.01 -0.70 -14.68
N LYS D 153 23.45 -0.73 -15.89
CA LYS D 153 24.27 -0.59 -17.12
C LYS D 153 24.67 0.88 -17.27
N LEU D 154 23.75 1.80 -16.98
CA LEU D 154 24.02 3.26 -17.00
C LEU D 154 25.14 3.56 -16.00
N SER D 155 25.03 2.96 -14.82
CA SER D 155 26.07 2.99 -13.75
C SER D 155 27.45 2.64 -14.32
N GLY D 156 27.57 1.54 -15.06
CA GLY D 156 28.82 1.15 -15.75
C GLY D 156 29.31 2.23 -16.70
N GLU D 157 28.42 2.83 -17.46
CA GLU D 157 28.79 3.89 -18.42
C GLU D 157 29.40 5.06 -17.65
N HIS D 158 28.78 5.42 -16.54
CA HIS D 158 29.29 6.52 -15.69
C HIS D 158 30.67 6.16 -15.15
N LEU D 159 30.89 4.92 -14.70
CA LEU D 159 32.22 4.47 -14.21
C LEU D 159 33.23 4.59 -15.34
N CYS D 160 32.84 4.28 -16.58
CA CYS D 160 33.72 4.45 -17.76
C CYS D 160 34.17 5.91 -17.83
N HIS D 161 33.23 6.86 -17.75
CA HIS D 161 33.54 8.30 -17.88
C HIS D 161 34.50 8.71 -16.75
N VAL D 162 34.23 8.27 -15.52
CA VAL D 162 35.02 8.62 -14.30
C VAL D 162 36.48 8.19 -14.52
N TYR D 163 36.70 7.00 -15.09
CA TYR D 163 38.04 6.40 -15.25
C TYR D 163 38.73 6.92 -16.52
N HIS D 164 37.96 7.27 -17.56
CA HIS D 164 38.44 8.02 -18.76
C HIS D 164 38.99 9.39 -18.32
N LYS D 165 38.19 10.16 -17.58
CA LYS D 165 38.49 11.55 -17.16
C LYS D 165 39.69 11.54 -16.19
N ASN D 166 39.66 10.73 -15.13
CA ASN D 166 40.65 10.77 -14.02
C ASN D 166 41.92 9.98 -14.38
N PHE D 167 41.86 8.93 -15.21
CA PHE D 167 43.04 8.06 -15.49
C PHE D 167 43.30 7.85 -16.98
N HIS D 168 42.56 8.45 -17.90
CA HIS D 168 42.85 8.38 -19.37
C HIS D 168 42.79 6.94 -19.90
N ILE D 169 41.99 6.04 -19.31
CA ILE D 169 41.65 4.75 -19.97
C ILE D 169 40.89 5.09 -21.24
N PRO D 170 41.32 4.60 -22.44
CA PRO D 170 40.68 5.03 -23.68
C PRO D 170 39.34 4.30 -23.93
N ILE D 171 38.30 4.67 -23.17
CA ILE D 171 36.95 4.01 -23.25
C ILE D 171 36.25 4.40 -24.55
N VAL D 172 35.59 3.42 -25.15
CA VAL D 172 34.55 3.58 -26.21
C VAL D 172 33.32 2.86 -25.67
N ILE D 173 32.15 3.45 -25.81
CA ILE D 173 30.88 2.81 -25.36
C ILE D 173 30.03 2.47 -26.58
N LEU D 174 29.61 1.21 -26.68
CA LEU D 174 28.63 0.79 -27.70
C LEU D 174 27.31 0.48 -26.98
N ARG D 175 26.21 1.08 -27.45
CA ARG D 175 24.86 0.74 -26.94
C ARG D 175 24.18 -0.18 -27.97
N TYR D 176 24.07 -1.46 -27.65
CA TYR D 176 23.35 -2.46 -28.47
C TYR D 176 21.85 -2.32 -28.22
N PHE D 177 21.09 -2.39 -29.30
CA PHE D 177 19.63 -2.62 -29.32
C PHE D 177 19.41 -4.13 -29.47
N THR D 178 18.33 -4.62 -28.87
CA THR D 178 17.93 -6.03 -28.74
C THR D 178 18.58 -6.91 -29.81
N VAL D 179 19.53 -7.76 -29.41
CA VAL D 179 20.29 -8.62 -30.36
C VAL D 179 19.63 -9.99 -30.43
N TYR D 180 19.50 -10.51 -31.64
CA TYR D 180 18.91 -11.84 -31.88
C TYR D 180 19.72 -12.61 -32.92
N GLY D 181 19.40 -13.90 -32.99
CA GLY D 181 20.00 -14.84 -33.93
C GLY D 181 20.41 -16.12 -33.22
N PRO D 182 21.21 -16.95 -33.91
CA PRO D 182 21.78 -18.18 -33.35
C PRO D 182 22.52 -17.88 -32.05
N ARG D 183 22.29 -18.71 -31.06
CA ARG D 183 22.87 -18.62 -29.68
C ARG D 183 22.13 -17.58 -28.85
N GLN D 184 21.09 -16.93 -29.37
CA GLN D 184 20.29 -15.98 -28.54
C GLN D 184 19.95 -16.66 -27.21
N ARG D 185 20.11 -15.94 -26.09
CA ARG D 185 19.86 -16.45 -24.71
C ARG D 185 18.43 -16.96 -24.60
N PRO D 186 18.18 -18.04 -23.83
CA PRO D 186 16.83 -18.60 -23.69
C PRO D 186 15.81 -17.72 -22.95
N ASP D 187 16.24 -16.64 -22.32
CA ASP D 187 15.33 -15.71 -21.60
C ASP D 187 14.81 -14.67 -22.59
N MET D 188 15.32 -14.60 -23.83
CA MET D 188 14.97 -13.46 -24.73
C MET D 188 13.74 -13.85 -25.56
N ALA D 189 13.02 -12.88 -26.11
CA ALA D 189 11.67 -13.08 -26.70
C ALA D 189 11.72 -14.10 -27.85
N PHE D 190 12.63 -13.96 -28.79
CA PHE D 190 12.62 -14.81 -30.01
C PHE D 190 12.93 -16.24 -29.62
N HIS D 191 13.92 -16.48 -28.77
CA HIS D 191 14.21 -17.84 -28.26
C HIS D 191 12.93 -18.45 -27.65
N ARG D 192 12.28 -17.75 -26.75
CA ARG D 192 11.09 -18.27 -26.00
C ARG D 192 9.94 -18.58 -26.96
N LEU D 193 9.63 -17.65 -27.86
CA LEU D 193 8.48 -17.72 -28.78
C LEU D 193 8.73 -18.84 -29.79
N ILE D 194 9.94 -18.93 -30.32
CA ILE D 194 10.25 -20.00 -31.30
C ILE D 194 10.11 -21.37 -30.60
N LYS D 195 10.62 -21.52 -29.37
CA LYS D 195 10.59 -22.82 -28.64
C LYS D 195 9.14 -23.21 -28.36
N GLN D 196 8.34 -22.23 -27.92
CA GLN D 196 6.90 -22.41 -27.63
C GLN D 196 6.22 -22.87 -28.93
N MET D 197 6.48 -22.18 -30.05
CA MET D 197 5.86 -22.48 -31.37
C MET D 197 6.27 -23.89 -31.84
N LEU D 198 7.54 -24.25 -31.68
CA LEU D 198 8.06 -25.59 -32.08
C LEU D 198 7.39 -26.68 -31.24
N GLU D 199 7.10 -26.40 -29.97
CA GLU D 199 6.49 -27.38 -29.03
C GLU D 199 4.96 -27.30 -29.09
N ASP D 200 4.39 -26.54 -30.05
CA ASP D 200 2.92 -26.31 -30.17
C ASP D 200 2.35 -25.95 -28.78
N LYS D 201 3.03 -25.05 -28.07
CA LYS D 201 2.59 -24.51 -26.76
C LYS D 201 2.08 -23.08 -27.00
N PRO D 202 1.24 -22.54 -26.10
CA PRO D 202 0.91 -21.12 -26.15
C PRO D 202 2.18 -20.25 -26.12
N LEU D 203 2.23 -19.32 -27.07
CA LEU D 203 3.16 -18.16 -27.16
C LEU D 203 2.85 -17.19 -26.01
N THR D 204 3.80 -17.00 -25.10
CA THR D 204 3.69 -16.05 -23.96
C THR D 204 3.99 -14.64 -24.45
N ILE D 205 2.97 -13.80 -24.54
CA ILE D 205 3.06 -12.40 -25.05
C ILE D 205 2.80 -11.42 -23.89
N PHE D 206 3.74 -10.50 -23.64
CA PHE D 206 3.62 -9.44 -22.60
C PHE D 206 2.87 -8.23 -23.16
N GLY D 207 1.81 -7.83 -22.46
CA GLY D 207 0.87 -6.82 -22.99
C GLY D 207 0.08 -7.43 -24.12
N ASP D 208 -0.22 -6.62 -25.12
CA ASP D 208 -1.01 -6.99 -26.33
C ASP D 208 -0.03 -7.21 -27.49
N GLY D 209 1.26 -7.34 -27.17
CA GLY D 209 2.27 -7.66 -28.17
C GLY D 209 2.42 -6.58 -29.22
N THR D 210 1.93 -5.37 -28.96
CA THR D 210 2.07 -4.22 -29.91
C THR D 210 3.42 -3.52 -29.73
N GLN D 211 4.14 -3.81 -28.64
CA GLN D 211 5.44 -3.16 -28.36
C GLN D 211 6.41 -3.45 -29.52
N THR D 212 7.21 -2.47 -29.93
CA THR D 212 8.25 -2.64 -30.98
C THR D 212 9.66 -2.56 -30.40
N ARG D 213 10.60 -3.09 -31.15
CA ARG D 213 12.03 -3.06 -30.84
C ARG D 213 12.79 -2.82 -32.14
N ASP D 214 13.94 -2.19 -31.99
CA ASP D 214 15.00 -2.16 -33.02
C ASP D 214 15.80 -3.47 -32.90
N PHE D 215 15.33 -4.57 -33.49
CA PHE D 215 16.04 -5.87 -33.38
C PHE D 215 17.28 -5.88 -34.30
N THR D 216 18.43 -6.21 -33.74
CA THR D 216 19.75 -6.19 -34.43
C THR D 216 20.21 -7.64 -34.60
N TYR D 217 20.42 -8.07 -35.84
CA TYR D 217 20.87 -9.45 -36.09
C TYR D 217 22.29 -9.54 -35.58
N ILE D 218 22.64 -10.70 -34.99
CA ILE D 218 23.94 -10.94 -34.35
C ILE D 218 25.07 -10.53 -35.29
N ASP D 219 25.03 -10.91 -36.56
CA ASP D 219 26.18 -10.65 -37.47
C ASP D 219 26.28 -9.15 -37.75
N ASP D 220 25.19 -8.39 -37.73
CA ASP D 220 25.25 -6.92 -37.88
C ASP D 220 25.84 -6.31 -36.61
N CYS D 221 25.33 -6.69 -35.45
CA CYS D 221 25.91 -6.33 -34.12
C CYS D 221 27.44 -6.61 -34.12
N ILE D 222 27.87 -7.77 -34.56
CA ILE D 222 29.32 -8.16 -34.56
C ILE D 222 30.12 -7.29 -35.55
N ARG D 223 29.56 -6.97 -36.71
CA ARG D 223 30.27 -6.10 -37.71
C ARG D 223 30.49 -4.70 -37.12
N GLY D 224 29.49 -4.12 -36.45
CA GLY D 224 29.64 -2.80 -35.82
C GLY D 224 30.64 -2.86 -34.68
N THR D 225 30.62 -3.95 -33.89
CA THR D 225 31.51 -4.13 -32.73
C THR D 225 32.97 -4.25 -33.22
N VAL D 226 33.20 -5.03 -34.27
CA VAL D 226 34.54 -5.23 -34.86
C VAL D 226 35.03 -3.91 -35.44
N ALA D 227 34.15 -3.13 -36.08
CA ALA D 227 34.47 -1.83 -36.75
C ALA D 227 34.93 -0.82 -35.68
N ALA D 228 34.40 -0.91 -34.44
CA ALA D 228 34.87 -0.13 -33.28
C ALA D 228 36.36 -0.37 -33.01
N LEU D 229 36.87 -1.59 -33.21
CA LEU D 229 38.31 -1.87 -33.05
C LEU D 229 39.08 -1.37 -34.29
N GLU D 230 38.50 -1.55 -35.48
CA GLU D 230 39.26 -1.49 -36.76
C GLU D 230 39.13 -0.10 -37.40
N THR D 231 38.19 0.73 -36.97
CA THR D 231 38.05 2.10 -37.54
C THR D 231 39.40 2.80 -37.42
N LYS D 232 39.77 3.59 -38.44
CA LYS D 232 41.00 4.43 -38.43
C LYS D 232 40.70 5.73 -37.68
N LYS D 233 39.42 6.11 -37.55
CA LYS D 233 38.99 7.36 -36.86
C LYS D 233 39.23 7.25 -35.36
N ASN D 234 39.53 8.37 -34.72
CA ASN D 234 39.64 8.54 -33.24
C ASN D 234 38.23 8.58 -32.64
N ILE D 235 37.81 7.52 -31.94
CA ILE D 235 36.43 7.37 -31.38
C ILE D 235 36.50 7.29 -29.86
N ILE D 236 37.62 7.66 -29.24
CA ILE D 236 37.83 7.59 -27.76
C ILE D 236 36.85 8.57 -27.10
N GLY D 237 36.15 8.13 -26.06
CA GLY D 237 35.16 8.94 -25.32
C GLY D 237 33.80 8.95 -26.00
N GLU D 238 33.64 8.32 -27.17
CA GLU D 238 32.37 8.32 -27.94
C GLU D 238 31.44 7.24 -27.40
N VAL D 239 30.15 7.54 -27.46
CA VAL D 239 29.02 6.60 -27.23
C VAL D 239 28.42 6.36 -28.60
N ILE D 240 28.24 5.10 -28.99
CA ILE D 240 27.73 4.73 -30.35
C ILE D 240 26.60 3.71 -30.24
N ASN D 241 25.45 4.03 -30.79
CA ASN D 241 24.31 3.09 -30.97
C ASN D 241 24.64 2.08 -32.06
N ILE D 242 24.44 0.80 -31.76
CA ILE D 242 24.47 -0.29 -32.76
C ILE D 242 23.06 -0.87 -32.82
N GLY D 243 22.36 -0.58 -33.92
CA GLY D 243 20.93 -0.88 -34.14
C GLY D 243 20.72 -1.72 -35.37
N GLY D 244 19.51 -2.22 -35.54
CA GLY D 244 19.14 -3.19 -36.59
C GLY D 244 18.63 -2.54 -37.86
N LYS D 245 18.33 -3.37 -38.85
CA LYS D 245 17.87 -2.93 -40.19
C LYS D 245 16.40 -2.51 -40.12
N GLU D 246 15.55 -3.31 -39.46
CA GLU D 246 14.07 -3.19 -39.51
C GLU D 246 13.50 -3.30 -38.09
N GLN D 247 12.57 -2.42 -37.74
CA GLN D 247 11.87 -2.43 -36.44
C GLN D 247 10.62 -3.30 -36.59
N ALA D 248 10.15 -3.96 -35.55
CA ALA D 248 8.96 -4.83 -35.63
C ALA D 248 8.28 -4.92 -34.27
N SER D 249 6.98 -5.19 -34.25
CA SER D 249 6.23 -5.55 -33.02
C SER D 249 6.36 -7.06 -32.77
N ILE D 250 6.01 -7.49 -31.56
CA ILE D 250 5.98 -8.94 -31.20
C ILE D 250 4.89 -9.67 -32.01
N LEU D 251 3.70 -9.07 -32.17
CA LEU D 251 2.63 -9.65 -33.04
C LEU D 251 3.19 -9.82 -34.46
N ASP D 252 3.87 -8.81 -35.02
CA ASP D 252 4.50 -8.84 -36.37
C ASP D 252 5.48 -10.02 -36.46
N ILE D 253 6.42 -10.09 -35.52
CA ILE D 253 7.46 -11.17 -35.46
C ILE D 253 6.72 -12.51 -35.43
N ILE D 254 5.67 -12.62 -34.64
CA ILE D 254 4.94 -13.89 -34.45
C ILE D 254 4.36 -14.32 -35.79
N SER D 255 3.95 -13.36 -36.64
CA SER D 255 3.42 -13.62 -38.02
C SER D 255 4.54 -14.13 -38.93
N MET D 256 5.69 -13.44 -38.91
CA MET D 256 6.87 -13.82 -39.73
C MET D 256 7.27 -15.26 -39.40
N LEU D 257 7.21 -15.64 -38.12
CA LEU D 257 7.56 -17.00 -37.60
C LEU D 257 6.54 -18.04 -38.08
N GLU D 258 5.24 -17.70 -38.07
CA GLU D 258 4.15 -18.58 -38.58
C GLU D 258 4.40 -18.90 -40.07
N LYS D 259 4.85 -17.92 -40.84
CA LYS D 259 5.22 -18.10 -42.27
C LYS D 259 6.36 -19.10 -42.34
N ILE D 260 7.52 -18.74 -41.78
CA ILE D 260 8.73 -19.61 -41.69
C ILE D 260 8.31 -21.02 -41.26
N SER D 261 7.46 -21.17 -40.24
CA SER D 261 7.20 -22.48 -39.59
C SER D 261 5.99 -23.18 -40.22
N GLY D 262 5.18 -22.50 -41.02
CA GLY D 262 3.86 -23.00 -41.47
C GLY D 262 2.92 -23.35 -40.31
N LYS D 263 3.24 -22.97 -39.07
CA LYS D 263 2.36 -23.26 -37.92
C LYS D 263 1.38 -22.12 -37.69
N SER D 264 0.26 -22.46 -37.07
CA SER D 264 -0.79 -21.53 -36.60
C SER D 264 -0.70 -21.48 -35.08
N ALA D 265 0.00 -20.48 -34.56
CA ALA D 265 0.37 -20.39 -33.13
C ALA D 265 -0.83 -19.90 -32.30
N THR D 266 -0.99 -20.50 -31.13
CA THR D 266 -1.91 -20.09 -30.03
C THR D 266 -1.22 -18.99 -29.22
N LYS D 267 -1.80 -17.78 -29.20
CA LYS D 267 -1.28 -16.60 -28.46
C LYS D 267 -1.88 -16.57 -27.06
N ASN D 268 -1.05 -16.24 -26.08
CA ASN D 268 -1.33 -16.29 -24.62
C ASN D 268 -0.91 -14.95 -24.00
N PHE D 269 -1.88 -14.04 -23.78
CA PHE D 269 -1.64 -12.64 -23.37
C PHE D 269 -1.48 -12.59 -21.86
N LEU D 270 -0.31 -12.15 -21.41
CA LEU D 270 -0.02 -12.02 -19.97
C LEU D 270 0.07 -10.52 -19.66
N LYS D 271 0.05 -10.17 -18.38
CA LYS D 271 0.10 -8.77 -17.91
C LYS D 271 1.49 -8.23 -18.32
N SER D 272 1.54 -6.97 -18.77
CA SER D 272 2.79 -6.19 -19.01
C SER D 272 3.75 -6.37 -17.84
N VAL D 273 5.03 -6.58 -18.16
CA VAL D 273 6.18 -6.58 -17.21
C VAL D 273 6.58 -5.12 -16.98
N PRO D 274 6.78 -4.67 -15.72
CA PRO D 274 7.36 -3.34 -15.48
C PRO D 274 8.80 -3.21 -16.02
N GLY D 275 9.19 -1.99 -16.40
CA GLY D 275 10.56 -1.63 -16.77
C GLY D 275 10.83 -1.79 -18.24
N GLU D 276 9.80 -1.98 -19.07
CA GLU D 276 9.96 -2.25 -20.51
C GLU D 276 9.43 -1.07 -21.31
N PRO D 277 10.24 -0.44 -22.17
CA PRO D 277 9.74 0.59 -23.06
C PRO D 277 8.75 -0.06 -24.03
N LYS D 278 7.79 0.72 -24.49
CA LYS D 278 6.81 0.32 -25.53
C LYS D 278 7.56 0.22 -26.86
N GLN D 279 8.56 1.06 -27.05
CA GLN D 279 9.26 1.16 -28.34
C GLN D 279 10.75 1.37 -28.08
N THR D 280 11.61 0.82 -28.92
CA THR D 280 13.04 1.23 -29.00
C THR D 280 13.33 1.48 -30.48
N TRP D 281 14.08 2.53 -30.76
CA TRP D 281 14.43 2.90 -32.14
C TRP D 281 15.78 3.60 -32.10
N ALA D 282 16.82 2.92 -32.56
CA ALA D 282 18.18 3.50 -32.66
C ALA D 282 18.22 4.48 -33.84
N ASP D 283 18.77 5.67 -33.59
CA ASP D 283 19.45 6.50 -34.60
C ASP D 283 20.88 5.93 -34.74
N ILE D 284 21.18 5.32 -35.88
CA ILE D 284 22.51 4.69 -36.15
C ILE D 284 23.35 5.57 -37.09
N SER D 285 23.02 6.88 -37.23
CA SER D 285 23.78 7.86 -38.07
C SER D 285 25.23 7.94 -37.60
N LYS D 286 25.48 8.06 -36.29
CA LYS D 286 26.86 8.17 -35.73
C LYS D 286 27.66 6.88 -36.02
N ALA D 287 27.02 5.71 -35.95
CA ALA D 287 27.66 4.42 -36.30
C ALA D 287 28.05 4.43 -37.78
N SER D 288 27.16 4.93 -38.64
CA SER D 288 27.37 5.03 -40.12
C SER D 288 28.62 5.91 -40.39
N THR D 289 28.64 7.12 -39.85
CA THR D 289 29.75 8.10 -39.98
C THR D 289 31.04 7.49 -39.44
N LEU D 290 31.08 7.07 -38.18
CA LEU D 290 32.35 6.75 -37.48
C LEU D 290 32.85 5.35 -37.87
N LEU D 291 31.96 4.38 -38.07
CA LEU D 291 32.36 2.94 -38.16
C LEU D 291 32.08 2.38 -39.56
N GLN D 292 31.49 3.18 -40.46
CA GLN D 292 30.93 2.67 -41.75
C GLN D 292 29.95 1.53 -41.47
N TYR D 293 29.25 1.61 -40.34
CA TYR D 293 28.35 0.50 -39.91
C TYR D 293 27.04 0.69 -40.65
N SER D 294 26.52 -0.40 -41.19
CA SER D 294 25.20 -0.43 -41.86
C SER D 294 24.68 -1.84 -41.74
N PRO D 295 23.58 -2.07 -41.00
CA PRO D 295 23.06 -3.42 -40.84
C PRO D 295 22.49 -3.86 -42.19
N THR D 296 22.69 -5.12 -42.57
CA THR D 296 22.30 -5.68 -43.90
C THR D 296 21.30 -6.83 -43.74
N VAL D 297 21.18 -7.45 -42.57
CA VAL D 297 20.37 -8.70 -42.47
C VAL D 297 18.91 -8.35 -42.21
N SER D 298 18.02 -8.79 -43.08
CA SER D 298 16.54 -8.62 -42.96
C SER D 298 16.03 -9.44 -41.79
N LEU D 299 14.88 -9.07 -41.21
CA LEU D 299 14.22 -9.87 -40.17
C LEU D 299 13.90 -11.28 -40.71
N SER D 300 13.37 -11.42 -41.92
CA SER D 300 12.94 -12.76 -42.41
C SER D 300 14.17 -13.69 -42.48
N ASP D 301 15.32 -13.21 -42.98
CA ASP D 301 16.60 -13.97 -43.02
C ASP D 301 17.09 -14.30 -41.60
N GLY D 302 17.28 -13.28 -40.74
CA GLY D 302 17.73 -13.47 -39.35
C GLY D 302 16.82 -14.41 -38.59
N LEU D 303 15.50 -14.24 -38.71
CA LEU D 303 14.53 -15.03 -37.92
C LEU D 303 14.62 -16.48 -38.36
N GLU D 304 14.80 -16.70 -39.67
CA GLU D 304 14.95 -18.07 -40.20
C GLU D 304 16.18 -18.73 -39.56
N ALA D 305 17.31 -18.02 -39.52
CA ALA D 305 18.57 -18.51 -38.94
C ALA D 305 18.32 -18.85 -37.46
N GLU D 306 17.63 -17.99 -36.73
CA GLU D 306 17.40 -18.27 -35.29
C GLU D 306 16.45 -19.47 -35.19
N TYR D 307 15.44 -19.55 -36.05
CA TYR D 307 14.45 -20.67 -36.04
C TYR D 307 15.18 -22.02 -36.17
N ASP D 308 16.10 -22.11 -37.14
CA ASP D 308 16.91 -23.33 -37.36
C ASP D 308 17.73 -23.58 -36.11
N TYR D 309 18.38 -22.53 -35.62
CA TYR D 309 19.24 -22.69 -34.43
C TYR D 309 18.43 -23.32 -33.29
N ILE D 310 17.29 -22.72 -32.97
CA ILE D 310 16.44 -23.22 -31.86
C ILE D 310 16.04 -24.67 -32.16
N LYS D 311 15.63 -24.96 -33.39
CA LYS D 311 15.12 -26.34 -33.69
C LYS D 311 16.26 -27.32 -33.44
N GLN D 312 17.46 -26.96 -33.90
CA GLN D 312 18.69 -27.78 -33.75
C GLN D 312 19.05 -27.92 -32.27
N LEU D 313 18.99 -26.83 -31.50
CA LEU D 313 19.36 -26.86 -30.08
C LEU D 313 18.58 -27.95 -29.37
N TYR D 314 17.27 -27.95 -29.55
CA TYR D 314 16.34 -28.79 -28.75
C TYR D 314 16.21 -30.19 -29.34
N LYS D 315 16.67 -30.41 -30.58
CA LYS D 315 16.75 -31.78 -31.16
C LYS D 315 17.82 -32.56 -30.40
N GLY D 316 18.90 -31.88 -30.03
CA GLY D 316 19.93 -32.41 -29.12
C GLY D 316 20.95 -33.30 -29.84
N ASP D 317 21.07 -33.18 -31.17
CA ASP D 317 21.92 -34.09 -31.98
C ASP D 317 23.21 -33.39 -32.43
N ALA D 318 23.22 -32.09 -32.68
CA ALA D 318 24.47 -31.42 -33.15
C ALA D 318 25.51 -31.52 -32.02
N ALA D 319 26.79 -31.56 -32.38
CA ALA D 319 27.94 -31.60 -31.45
C ALA D 319 27.79 -30.53 -30.35
N TRP D 320 27.33 -29.33 -30.72
CA TRP D 320 27.26 -28.18 -29.80
C TRP D 320 26.03 -28.26 -28.87
N SER D 321 25.05 -29.15 -29.09
CA SER D 321 23.98 -29.50 -28.12
C SER D 321 24.39 -30.76 -27.34
#